data_6QYH
#
_entry.id   6QYH
#
_cell.length_a   189.280
_cell.length_b   189.280
_cell.length_c   163.530
_cell.angle_alpha   90.00
_cell.angle_beta   90.00
_cell.angle_gamma   120.00
#
_symmetry.space_group_name_H-M   'P 65 2 2'
#
loop_
_entity.id
_entity.type
_entity.pdbx_description
1 polymer '4-hydroxyphenylacetate 3-monooxygenase oxygenase component'
2 non-polymer 'CALCIUM ION'
3 non-polymer 'TRIETHYLENE GLYCOL'
4 non-polymer DI(HYDROXYETHYL)ETHER
5 non-polymer '4-(2-HYDROXYETHYL)-1-PIPERAZINE ETHANESULFONIC ACID'
6 water water
#
_entity_poly.entity_id   1
_entity_poly.type   'polypeptide(L)'
_entity_poly.pdbx_seq_one_letter_code
;MKPEDFRASTQRPFTGEEYLKSLQDGREIYIYGERVKDVTTHPAFRNAAASVAQLYDALHKPEMQDSLCWNTDTGSGGYT
HKFFRVAKSADDLRQQRDAIAEWSRLSYGWMGRTPDYKAAFGCALGANPGFYGQFEQNARNWYTRIQETGLYFNHAIVNP
PIDRHLPTDKVKDVYIKLEKETDAGIIVSGAKVVATNSALTHYNMIGFGSAQVMGENPDFALMFVAPMDADGVKLISRAS
YEMVAGATGSPYDYPLSSRFDENDAILVMDNVLIPWENVLIYRDFDRCRRWTMEGGFARMYPLQACVRLAVKLDFITALL
KKSLECTGTLEFRGVQADLGEVVAWRNTFWALSDSMCSEATPWVNGAYLPDHAALQTYRVLAPMAYAKIKNIIERNVTSG
LIYLPSSARDLNNPQIDQYLAKYVRGSNGMDHVQRIKILKLMWDAIGSEFGGRHELYEINYSGSQDEIRLQCLRQAQNSG
NMDKMMAMVDRCLSEYDQDGWTVPHLHNNDDINMLDKLLK
;
_entity_poly.pdbx_strand_id   A,B
#
# COMPACT_ATOMS: atom_id res chain seq x y z
N MET A 1 9.47 0.73 -46.50
CA MET A 1 8.88 -0.46 -45.90
C MET A 1 8.41 -0.18 -44.46
N LYS A 2 7.19 -0.62 -44.13
CA LYS A 2 6.59 -0.47 -42.80
C LYS A 2 7.10 -1.58 -41.85
N PRO A 3 7.34 -1.29 -40.54
CA PRO A 3 7.80 -2.33 -39.61
C PRO A 3 7.01 -3.65 -39.65
N GLU A 4 5.68 -3.54 -39.70
CA GLU A 4 4.77 -4.68 -39.72
C GLU A 4 4.97 -5.64 -40.90
N ASP A 5 5.52 -5.14 -42.03
CA ASP A 5 5.81 -5.94 -43.22
C ASP A 5 6.97 -6.94 -43.03
N PHE A 6 7.68 -6.84 -41.88
CA PHE A 6 8.74 -7.79 -41.53
C PHE A 6 8.17 -9.12 -41.00
N ARG A 7 6.88 -9.14 -40.64
CA ARG A 7 6.23 -10.36 -40.16
C ARG A 7 5.91 -11.30 -41.32
N ALA A 8 6.16 -12.61 -41.14
CA ALA A 8 5.85 -13.64 -42.12
C ALA A 8 4.33 -13.94 -42.11
N SER A 9 3.60 -13.50 -41.04
CA SER A 9 2.16 -13.69 -40.88
C SER A 9 1.48 -12.43 -40.36
N THR A 10 0.26 -12.12 -40.85
CA THR A 10 -0.51 -10.96 -40.39
C THR A 10 -1.38 -11.28 -39.15
N GLN A 11 -1.40 -12.57 -38.72
CA GLN A 11 -2.23 -13.08 -37.62
C GLN A 11 -1.51 -13.26 -36.27
N ARG A 12 -0.38 -12.56 -36.09
CA ARG A 12 0.37 -12.64 -34.85
C ARG A 12 1.34 -11.47 -34.78
N PRO A 13 1.80 -11.06 -33.57
CA PRO A 13 2.81 -9.99 -33.53
C PRO A 13 4.15 -10.53 -34.03
N PHE A 14 5.16 -9.66 -34.07
CA PHE A 14 6.52 -10.02 -34.46
C PHE A 14 7.05 -11.18 -33.60
N THR A 15 7.97 -11.97 -34.19
CA THR A 15 8.79 -12.92 -33.45
C THR A 15 10.04 -12.03 -33.11
N GLY A 16 10.96 -12.54 -32.30
CA GLY A 16 12.19 -11.79 -31.96
C GLY A 16 13.03 -11.45 -33.17
N GLU A 17 13.21 -12.43 -34.08
CA GLU A 17 13.97 -12.32 -35.32
C GLU A 17 13.38 -11.21 -36.22
N GLU A 18 12.04 -11.22 -36.41
CA GLU A 18 11.34 -10.21 -37.23
C GLU A 18 11.45 -8.81 -36.62
N TYR A 19 11.35 -8.71 -35.28
CA TYR A 19 11.51 -7.43 -34.58
C TYR A 19 12.93 -6.89 -34.82
N LEU A 20 13.96 -7.74 -34.67
CA LEU A 20 15.35 -7.31 -34.90
C LEU A 20 15.58 -6.83 -36.34
N LYS A 21 15.03 -7.56 -37.34
CA LYS A 21 15.13 -7.17 -38.75
C LYS A 21 14.44 -5.81 -38.99
N SER A 22 13.29 -5.57 -38.33
CA SER A 22 12.54 -4.32 -38.46
C SER A 22 13.31 -3.07 -37.94
N LEU A 23 14.33 -3.23 -37.07
CA LEU A 23 15.11 -2.12 -36.53
C LEU A 23 16.25 -1.71 -37.49
N GLN A 24 16.52 -2.53 -38.51
CA GLN A 24 17.59 -2.27 -39.50
C GLN A 24 17.02 -1.38 -40.62
N ASP A 25 16.54 -0.18 -40.25
CA ASP A 25 15.80 0.75 -41.11
C ASP A 25 16.46 2.12 -41.39
N GLY A 26 17.72 2.28 -41.09
CA GLY A 26 18.34 3.59 -41.30
C GLY A 26 17.86 4.70 -40.37
N ARG A 27 17.38 4.34 -39.15
CA ARG A 27 17.03 5.32 -38.12
C ARG A 27 18.32 6.15 -37.84
N GLU A 28 18.18 7.41 -37.47
CA GLU A 28 19.34 8.26 -37.21
C GLU A 28 19.62 8.39 -35.70
N ILE A 29 20.65 7.69 -35.23
CA ILE A 29 21.03 7.66 -33.82
C ILE A 29 22.50 7.98 -33.67
N TYR A 30 22.81 8.84 -32.69
CA TYR A 30 24.19 9.18 -32.34
C TYR A 30 24.51 8.69 -30.95
N ILE A 31 25.76 8.25 -30.76
CA ILE A 31 26.33 7.88 -29.47
C ILE A 31 27.84 8.06 -29.57
N TYR A 32 28.47 8.61 -28.51
CA TYR A 32 29.92 8.83 -28.47
C TYR A 32 30.44 9.60 -29.70
N GLY A 33 29.69 10.62 -30.11
CA GLY A 33 30.04 11.49 -31.24
C GLY A 33 29.98 10.85 -32.62
N GLU A 34 29.39 9.64 -32.74
CA GLU A 34 29.31 8.88 -34.00
C GLU A 34 27.90 8.41 -34.32
N ARG A 35 27.64 8.20 -35.60
CA ARG A 35 26.35 7.67 -36.04
C ARG A 35 26.34 6.15 -35.82
N VAL A 36 25.22 5.60 -35.33
CA VAL A 36 25.05 4.15 -35.11
C VAL A 36 24.59 3.55 -36.45
N LYS A 37 25.32 2.57 -36.99
CA LYS A 37 24.94 1.98 -38.28
C LYS A 37 23.73 1.07 -38.14
N ASP A 38 23.75 0.20 -37.14
CA ASP A 38 22.71 -0.80 -36.92
C ASP A 38 22.58 -1.05 -35.40
N VAL A 39 21.40 -0.73 -34.80
CA VAL A 39 21.18 -0.92 -33.35
C VAL A 39 21.28 -2.39 -32.92
N THR A 40 20.95 -3.32 -33.83
CA THR A 40 20.96 -4.75 -33.48
C THR A 40 22.38 -5.31 -33.34
N THR A 41 23.40 -4.62 -33.92
CA THR A 41 24.80 -5.10 -33.87
C THR A 41 25.73 -4.17 -33.10
N HIS A 42 25.30 -2.91 -32.89
CA HIS A 42 26.13 -1.91 -32.21
C HIS A 42 26.41 -2.32 -30.73
N PRO A 43 27.67 -2.19 -30.26
CA PRO A 43 27.99 -2.60 -28.86
C PRO A 43 27.26 -1.88 -27.73
N ALA A 44 26.59 -0.73 -28.00
CA ALA A 44 25.82 0.01 -26.99
C ALA A 44 24.36 -0.45 -26.90
N PHE A 45 23.84 -1.17 -27.91
CA PHE A 45 22.42 -1.51 -27.96
C PHE A 45 22.06 -2.96 -28.24
N ARG A 46 23.01 -3.77 -28.74
CA ARG A 46 22.75 -5.14 -29.21
C ARG A 46 22.10 -6.09 -28.19
N ASN A 47 22.54 -6.06 -26.91
CA ASN A 47 21.98 -6.94 -25.88
C ASN A 47 20.62 -6.45 -25.40
N ALA A 48 20.43 -5.10 -25.26
CA ALA A 48 19.13 -4.53 -24.92
C ALA A 48 18.13 -4.89 -26.04
N ALA A 49 18.58 -4.82 -27.32
CA ALA A 49 17.76 -5.20 -28.48
C ALA A 49 17.41 -6.69 -28.41
N ALA A 50 18.40 -7.55 -28.08
CA ALA A 50 18.20 -9.00 -27.89
C ALA A 50 17.24 -9.30 -26.72
N SER A 51 17.30 -8.51 -25.62
CA SER A 51 16.41 -8.66 -24.47
C SER A 51 14.94 -8.37 -24.84
N VAL A 52 14.70 -7.32 -25.65
CA VAL A 52 13.34 -6.98 -26.13
C VAL A 52 12.84 -8.07 -27.10
N ALA A 53 13.73 -8.59 -27.94
CA ALA A 53 13.41 -9.66 -28.92
C ALA A 53 12.95 -10.94 -28.20
N GLN A 54 13.46 -11.22 -26.98
CA GLN A 54 13.02 -12.37 -26.16
C GLN A 54 11.55 -12.24 -25.77
N LEU A 55 11.07 -11.00 -25.52
CA LEU A 55 9.67 -10.76 -25.15
C LEU A 55 8.80 -11.12 -26.31
N TYR A 56 9.18 -10.68 -27.52
CA TYR A 56 8.42 -11.04 -28.74
C TYR A 56 8.40 -12.56 -28.95
N ASP A 57 9.56 -13.24 -28.76
CA ASP A 57 9.64 -14.72 -28.87
C ASP A 57 8.71 -15.45 -27.91
N ALA A 58 8.55 -14.95 -26.65
CA ALA A 58 7.71 -15.57 -25.62
C ALA A 58 6.22 -15.65 -26.00
N LEU A 59 5.73 -14.70 -26.84
CA LEU A 59 4.33 -14.67 -27.32
C LEU A 59 4.00 -15.89 -28.18
N HIS A 60 5.02 -16.53 -28.75
CA HIS A 60 4.81 -17.67 -29.65
C HIS A 60 5.09 -19.03 -29.00
N LYS A 61 5.47 -19.06 -27.72
CA LYS A 61 5.73 -20.29 -26.98
C LYS A 61 4.40 -20.87 -26.44
N PRO A 62 4.02 -22.12 -26.80
CA PRO A 62 2.73 -22.67 -26.28
C PRO A 62 2.60 -22.64 -24.76
N GLU A 63 3.69 -22.94 -24.02
CA GLU A 63 3.74 -22.93 -22.54
C GLU A 63 3.51 -21.55 -21.91
N MET A 64 3.74 -20.45 -22.66
CA MET A 64 3.56 -19.09 -22.13
C MET A 64 2.33 -18.36 -22.69
N GLN A 65 1.67 -18.94 -23.69
CA GLN A 65 0.55 -18.31 -24.38
C GLN A 65 -0.72 -18.13 -23.58
N ASP A 66 -1.03 -19.03 -22.63
CA ASP A 66 -2.21 -18.90 -21.77
C ASP A 66 -2.05 -17.66 -20.90
N SER A 67 -0.85 -17.43 -20.39
CA SER A 67 -0.60 -16.26 -19.55
C SER A 67 -0.35 -14.98 -20.33
N LEU A 68 0.22 -15.06 -21.54
CA LEU A 68 0.55 -13.84 -22.28
C LEU A 68 -0.46 -13.34 -23.30
N CYS A 69 -1.19 -14.25 -23.95
CA CYS A 69 -1.97 -13.89 -25.14
C CYS A 69 -3.47 -14.10 -25.09
N TRP A 70 -4.17 -13.31 -25.92
CA TRP A 70 -5.59 -13.38 -26.20
C TRP A 70 -5.71 -13.27 -27.70
N ASN A 71 -6.87 -13.62 -28.26
CA ASN A 71 -7.13 -13.36 -29.67
C ASN A 71 -7.35 -11.84 -29.83
N THR A 72 -7.12 -11.32 -31.03
CA THR A 72 -7.37 -9.90 -31.30
C THR A 72 -8.90 -9.65 -31.30
N ASP A 73 -9.35 -8.41 -31.09
CA ASP A 73 -10.78 -8.07 -31.12
C ASP A 73 -11.13 -7.44 -32.48
N THR A 74 -10.19 -7.51 -33.44
CA THR A 74 -10.27 -6.88 -34.76
C THR A 74 -10.96 -7.73 -35.84
N GLY A 75 -11.17 -9.01 -35.54
CA GLY A 75 -11.74 -9.97 -36.49
C GLY A 75 -10.72 -10.52 -37.46
N SER A 76 -9.40 -10.29 -37.19
CA SER A 76 -8.31 -10.81 -38.05
C SER A 76 -8.08 -12.31 -37.84
N GLY A 77 -8.56 -12.85 -36.72
CA GLY A 77 -8.36 -14.25 -36.37
C GLY A 77 -6.99 -14.51 -35.76
N GLY A 78 -6.23 -13.44 -35.50
CA GLY A 78 -4.91 -13.55 -34.91
C GLY A 78 -4.92 -13.43 -33.40
N TYR A 79 -3.71 -13.39 -32.80
CA TYR A 79 -3.52 -13.22 -31.36
C TYR A 79 -2.56 -12.06 -31.06
N THR A 80 -2.53 -11.63 -29.79
CA THR A 80 -1.69 -10.54 -29.34
C THR A 80 -1.43 -10.64 -27.84
N HIS A 81 -0.48 -9.85 -27.33
CA HIS A 81 -0.26 -9.76 -25.88
C HIS A 81 -1.56 -9.14 -25.31
N LYS A 82 -2.05 -9.69 -24.19
CA LYS A 82 -3.29 -9.28 -23.53
C LYS A 82 -3.42 -7.76 -23.29
N PHE A 83 -2.30 -7.07 -22.96
CA PHE A 83 -2.32 -5.62 -22.68
C PHE A 83 -2.42 -4.74 -23.95
N PHE A 84 -2.45 -5.35 -25.16
CA PHE A 84 -2.54 -4.62 -26.43
C PHE A 84 -4.00 -4.53 -26.89
N ARG A 85 -4.90 -5.12 -26.12
CA ARG A 85 -6.34 -5.16 -26.42
C ARG A 85 -7.12 -4.50 -25.27
N VAL A 86 -8.17 -3.73 -25.60
CA VAL A 86 -9.03 -3.02 -24.62
C VAL A 86 -9.69 -4.00 -23.61
N ALA A 87 -9.49 -3.74 -22.30
CA ALA A 87 -10.08 -4.51 -21.21
C ALA A 87 -11.57 -4.12 -21.08
N LYS A 88 -12.45 -5.12 -20.93
CA LYS A 88 -13.90 -4.88 -20.85
C LYS A 88 -14.53 -5.41 -19.56
N SER A 89 -13.69 -5.68 -18.55
CA SER A 89 -14.10 -6.14 -17.22
C SER A 89 -12.93 -6.04 -16.25
N ALA A 90 -13.23 -6.22 -14.96
CA ALA A 90 -12.25 -6.26 -13.87
C ALA A 90 -11.38 -7.52 -14.08
N ASP A 91 -11.99 -8.66 -14.48
CA ASP A 91 -11.24 -9.89 -14.75
C ASP A 91 -10.25 -9.71 -15.93
N ASP A 92 -10.64 -8.96 -16.99
CA ASP A 92 -9.76 -8.68 -18.13
C ASP A 92 -8.52 -7.95 -17.63
N LEU A 93 -8.71 -6.92 -16.77
CA LEU A 93 -7.59 -6.17 -16.21
C LEU A 93 -6.64 -7.06 -15.38
N ARG A 94 -7.20 -7.99 -14.60
N ARG A 94 -7.20 -8.00 -14.60
CA ARG A 94 -6.42 -8.93 -13.79
CA ARG A 94 -6.44 -8.96 -13.79
C ARG A 94 -5.58 -9.87 -14.70
C ARG A 94 -5.57 -9.84 -14.72
N GLN A 95 -6.16 -10.34 -15.82
CA GLN A 95 -5.44 -11.16 -16.81
C GLN A 95 -4.32 -10.32 -17.46
N GLN A 96 -4.58 -9.02 -17.76
CA GLN A 96 -3.55 -8.12 -18.32
C GLN A 96 -2.46 -7.87 -17.29
N ARG A 97 -2.83 -7.78 -16.01
CA ARG A 97 -1.87 -7.57 -14.90
C ARG A 97 -0.87 -8.77 -14.87
N ASP A 98 -1.41 -10.00 -14.94
CA ASP A 98 -0.60 -11.23 -14.98
C ASP A 98 0.28 -11.33 -16.23
N ALA A 99 -0.24 -10.93 -17.43
CA ALA A 99 0.50 -10.95 -18.70
C ALA A 99 1.68 -9.96 -18.64
N ILE A 100 1.45 -8.76 -18.05
CA ILE A 100 2.50 -7.76 -17.84
C ILE A 100 3.59 -8.36 -16.92
N ALA A 101 3.17 -8.99 -15.78
CA ALA A 101 4.12 -9.59 -14.81
C ALA A 101 4.98 -10.67 -15.49
N GLU A 102 4.37 -11.53 -16.34
CA GLU A 102 5.10 -12.56 -17.10
C GLU A 102 6.18 -11.98 -18.03
N TRP A 103 5.85 -10.90 -18.77
CA TRP A 103 6.81 -10.22 -19.61
C TRP A 103 7.88 -9.52 -18.80
N SER A 104 7.48 -8.87 -17.66
CA SER A 104 8.43 -8.16 -16.81
C SER A 104 9.45 -9.11 -16.18
N ARG A 105 9.03 -10.35 -15.83
CA ARG A 105 9.91 -11.35 -15.23
C ARG A 105 11.09 -11.74 -16.15
N LEU A 106 10.92 -11.59 -17.48
CA LEU A 106 11.98 -11.88 -18.46
C LEU A 106 13.14 -10.88 -18.38
N SER A 107 12.93 -9.73 -17.73
CA SER A 107 14.02 -8.78 -17.49
C SER A 107 14.22 -8.57 -15.99
N TYR A 108 13.57 -9.42 -15.16
CA TYR A 108 13.63 -9.36 -13.69
C TYR A 108 13.16 -8.00 -13.13
N GLY A 109 12.30 -7.33 -13.89
CA GLY A 109 11.77 -6.01 -13.56
C GLY A 109 12.65 -4.83 -13.94
N TRP A 110 13.79 -5.07 -14.63
CA TRP A 110 14.75 -3.99 -14.96
C TRP A 110 14.45 -3.22 -16.25
N MET A 111 13.61 -3.75 -17.13
CA MET A 111 13.28 -2.99 -18.33
C MET A 111 11.92 -2.31 -18.12
N GLY A 112 11.95 -0.98 -18.00
CA GLY A 112 10.80 -0.15 -17.66
C GLY A 112 10.00 0.41 -18.82
N ARG A 113 10.58 0.32 -20.00
CA ARG A 113 9.94 0.88 -21.19
C ARG A 113 9.77 -0.15 -22.29
N THR A 114 9.31 -1.35 -21.93
CA THR A 114 9.08 -2.44 -22.89
C THR A 114 7.79 -2.15 -23.74
N PRO A 115 7.52 -2.89 -24.85
CA PRO A 115 6.34 -2.55 -25.71
C PRO A 115 4.97 -2.44 -25.00
N ASP A 116 4.76 -3.21 -23.92
CA ASP A 116 3.49 -3.21 -23.15
C ASP A 116 3.23 -1.86 -22.43
N TYR A 117 4.27 -1.05 -22.16
CA TYR A 117 4.06 0.26 -21.50
C TYR A 117 3.14 1.16 -22.37
N LYS A 118 3.52 1.37 -23.65
CA LYS A 118 2.74 2.20 -24.56
C LYS A 118 1.59 1.49 -25.21
N ALA A 119 1.46 0.17 -25.01
CA ALA A 119 0.31 -0.58 -25.52
C ALA A 119 -0.98 -0.02 -24.90
N ALA A 120 -0.89 0.58 -23.67
CA ALA A 120 -2.00 1.26 -22.97
C ALA A 120 -2.47 2.46 -23.78
N PHE A 121 -1.54 3.13 -24.51
CA PHE A 121 -1.88 4.25 -25.40
C PHE A 121 -2.70 3.76 -26.59
N GLY A 122 -2.27 2.64 -27.19
CA GLY A 122 -3.01 2.00 -28.28
C GLY A 122 -4.44 1.69 -27.81
N CYS A 123 -4.57 1.12 -26.60
CA CYS A 123 -5.88 0.81 -25.99
C CYS A 123 -6.72 2.06 -25.72
N ALA A 124 -6.09 3.20 -25.31
CA ALA A 124 -6.78 4.49 -25.10
C ALA A 124 -7.38 4.99 -26.43
N LEU A 125 -6.64 4.82 -27.56
CA LEU A 125 -7.12 5.19 -28.90
C LEU A 125 -8.30 4.31 -29.31
N GLY A 126 -8.23 3.00 -29.02
CA GLY A 126 -9.28 2.05 -29.38
C GLY A 126 -10.55 2.14 -28.56
N ALA A 127 -10.41 2.43 -27.25
CA ALA A 127 -11.55 2.53 -26.33
C ALA A 127 -12.37 3.83 -26.53
N ASN A 128 -11.69 4.96 -26.82
CA ASN A 128 -12.36 6.25 -26.97
C ASN A 128 -11.92 7.01 -28.26
N PRO A 129 -12.12 6.43 -29.46
CA PRO A 129 -11.65 7.13 -30.69
C PRO A 129 -12.41 8.43 -31.01
N GLY A 130 -13.68 8.49 -30.59
CA GLY A 130 -14.56 9.65 -30.76
C GLY A 130 -14.05 10.94 -30.15
N PHE A 131 -13.14 10.83 -29.16
CA PHE A 131 -12.50 11.97 -28.49
C PHE A 131 -11.70 12.84 -29.48
N TYR A 132 -11.13 12.21 -30.52
CA TYR A 132 -10.22 12.84 -31.47
C TYR A 132 -10.92 13.58 -32.63
N GLY A 133 -12.26 13.60 -32.63
CA GLY A 133 -13.07 14.28 -33.63
C GLY A 133 -12.80 13.87 -35.06
N GLN A 134 -12.28 14.81 -35.87
CA GLN A 134 -11.94 14.54 -37.27
C GLN A 134 -10.80 13.50 -37.44
N PHE A 135 -10.03 13.25 -36.34
CA PHE A 135 -8.94 12.27 -36.35
C PHE A 135 -9.32 10.92 -35.74
N GLU A 136 -10.65 10.68 -35.58
CA GLU A 136 -11.22 9.45 -35.01
C GLU A 136 -10.77 8.20 -35.74
N GLN A 137 -10.82 8.22 -37.09
CA GLN A 137 -10.41 7.08 -37.91
C GLN A 137 -8.91 6.78 -37.74
N ASN A 138 -8.06 7.81 -37.48
CA ASN A 138 -6.62 7.61 -37.23
C ASN A 138 -6.43 6.83 -35.93
N ALA A 139 -7.23 7.18 -34.87
CA ALA A 139 -7.20 6.53 -33.56
C ALA A 139 -7.57 5.04 -33.70
N ARG A 140 -8.65 4.75 -34.47
CA ARG A 140 -9.14 3.40 -34.73
C ARG A 140 -8.08 2.57 -35.47
N ASN A 141 -7.52 3.13 -36.56
CA ASN A 141 -6.50 2.48 -37.38
C ASN A 141 -5.22 2.20 -36.61
N TRP A 142 -4.77 3.16 -35.78
CA TRP A 142 -3.57 2.99 -34.96
C TRP A 142 -3.77 1.93 -33.87
N TYR A 143 -4.96 1.88 -33.26
CA TYR A 143 -5.28 0.83 -32.28
C TYR A 143 -5.16 -0.54 -32.96
N THR A 144 -5.79 -0.73 -34.13
CA THR A 144 -5.76 -1.98 -34.91
C THR A 144 -4.32 -2.40 -35.22
N ARG A 145 -3.51 -1.46 -35.74
CA ARG A 145 -2.13 -1.70 -36.10
C ARG A 145 -1.29 -2.09 -34.89
N ILE A 146 -1.33 -1.30 -33.80
CA ILE A 146 -0.56 -1.63 -32.60
C ILE A 146 -0.92 -3.03 -32.05
N GLN A 147 -2.23 -3.30 -31.92
CA GLN A 147 -2.74 -4.57 -31.38
C GLN A 147 -2.33 -5.78 -32.22
N GLU A 148 -2.58 -5.77 -33.52
CA GLU A 148 -2.26 -6.93 -34.39
C GLU A 148 -0.77 -7.22 -34.56
N THR A 149 0.04 -6.18 -34.67
CA THR A 149 1.46 -6.33 -34.97
C THR A 149 2.36 -6.38 -33.74
N GLY A 150 1.87 -5.80 -32.64
CA GLY A 150 2.65 -5.67 -31.42
C GLY A 150 3.73 -4.62 -31.64
N LEU A 151 3.36 -3.51 -32.35
CA LEU A 151 4.27 -2.39 -32.61
C LEU A 151 4.81 -1.84 -31.31
N TYR A 152 6.10 -1.52 -31.33
CA TYR A 152 6.79 -1.01 -30.17
C TYR A 152 6.74 0.52 -30.20
N PHE A 153 5.85 1.07 -29.39
CA PHE A 153 5.69 2.49 -29.23
C PHE A 153 6.37 2.97 -27.96
N ASN A 154 6.78 4.23 -27.97
CA ASN A 154 7.31 4.96 -26.83
C ASN A 154 6.71 6.34 -26.86
N HIS A 155 7.01 7.15 -25.84
CA HIS A 155 6.61 8.53 -25.85
C HIS A 155 7.77 9.41 -25.47
N ALA A 156 7.75 10.63 -25.98
CA ALA A 156 8.74 11.66 -25.70
C ALA A 156 7.86 12.85 -25.26
N ILE A 157 7.85 13.11 -23.94
CA ILE A 157 6.94 14.12 -23.37
C ILE A 157 7.65 15.26 -22.60
N VAL A 158 8.75 14.98 -21.88
CA VAL A 158 9.50 16.01 -21.14
C VAL A 158 10.08 17.04 -22.10
N ASN A 159 9.77 18.32 -21.87
CA ASN A 159 10.26 19.42 -22.70
C ASN A 159 11.73 19.73 -22.41
N PRO A 160 12.51 20.18 -23.42
CA PRO A 160 13.92 20.51 -23.15
C PRO A 160 14.05 21.84 -22.39
N PRO A 161 15.22 22.15 -21.76
CA PRO A 161 15.35 23.45 -21.06
C PRO A 161 15.28 24.67 -22.00
N ILE A 162 14.88 25.84 -21.44
CA ILE A 162 14.76 27.13 -22.15
C ILE A 162 15.67 28.17 -21.48
N ASP A 163 16.52 28.87 -22.26
CA ASP A 163 17.36 29.94 -21.74
C ASP A 163 16.46 31.19 -21.61
N ARG A 164 16.22 31.64 -20.37
CA ARG A 164 15.37 32.79 -20.03
C ARG A 164 15.87 34.14 -20.58
N HIS A 165 17.17 34.22 -20.95
CA HIS A 165 17.81 35.44 -21.47
C HIS A 165 17.80 35.58 -23.00
N LEU A 166 17.39 34.53 -23.75
CA LEU A 166 17.31 34.56 -25.21
C LEU A 166 16.16 35.48 -25.70
N PRO A 167 16.23 36.06 -26.93
CA PRO A 167 15.14 36.95 -27.40
C PRO A 167 13.78 36.30 -27.59
N ASP A 169 11.53 35.14 -29.65
CA ASP A 169 11.65 34.51 -30.96
C ASP A 169 12.41 33.18 -30.88
N LYS A 170 13.64 33.18 -30.32
CA LYS A 170 14.48 31.98 -30.15
C LYS A 170 13.87 31.01 -29.13
N VAL A 171 13.22 31.56 -28.09
CA VAL A 171 12.54 30.86 -26.99
C VAL A 171 11.42 29.92 -27.50
N LYS A 172 10.58 30.41 -28.43
CA LYS A 172 9.43 29.67 -29.01
C LYS A 172 9.81 28.68 -30.14
N ASP A 173 11.12 28.35 -30.29
CA ASP A 173 11.66 27.45 -31.31
C ASP A 173 12.16 26.12 -30.73
N VAL A 174 12.41 26.08 -29.42
CA VAL A 174 12.91 24.92 -28.66
C VAL A 174 11.85 23.80 -28.55
N TYR A 175 10.60 24.17 -28.23
CA TYR A 175 9.51 23.21 -28.04
C TYR A 175 8.98 22.67 -29.36
N ILE A 176 8.35 21.47 -29.32
CA ILE A 176 7.69 20.88 -30.48
C ILE A 176 6.65 21.89 -30.96
N LYS A 177 6.81 22.39 -32.20
CA LYS A 177 5.91 23.37 -32.80
C LYS A 177 5.61 23.07 -34.25
N LEU A 178 4.36 23.38 -34.65
CA LEU A 178 3.91 23.23 -36.02
C LEU A 178 4.57 24.35 -36.83
N GLU A 179 5.25 23.98 -37.91
CA GLU A 179 5.89 24.98 -38.75
C GLU A 179 5.18 25.22 -40.05
N LYS A 180 4.49 24.19 -40.57
CA LYS A 180 3.80 24.28 -41.87
C LYS A 180 2.71 23.22 -41.99
N GLU A 181 1.61 23.61 -42.62
CA GLU A 181 0.48 22.73 -42.92
C GLU A 181 0.49 22.51 -44.43
N THR A 182 0.58 21.25 -44.86
CA THR A 182 0.62 20.88 -46.29
C THR A 182 -0.50 19.89 -46.60
N ASP A 183 -0.64 19.50 -47.88
CA ASP A 183 -1.64 18.52 -48.34
C ASP A 183 -1.32 17.11 -47.82
N ALA A 184 -0.03 16.74 -47.75
CA ALA A 184 0.42 15.43 -47.27
C ALA A 184 0.39 15.30 -45.74
N GLY A 185 0.60 16.41 -45.05
CA GLY A 185 0.60 16.43 -43.60
C GLY A 185 1.14 17.70 -42.98
N ILE A 186 1.72 17.59 -41.80
CA ILE A 186 2.25 18.73 -41.06
C ILE A 186 3.77 18.67 -40.91
N ILE A 187 4.40 19.82 -40.88
CA ILE A 187 5.85 19.90 -40.70
C ILE A 187 6.07 20.34 -39.27
N VAL A 188 6.90 19.59 -38.52
CA VAL A 188 7.17 19.88 -37.12
C VAL A 188 8.65 19.95 -36.82
N SER A 189 8.99 20.76 -35.81
CA SER A 189 10.33 20.91 -35.28
C SER A 189 10.29 21.07 -33.78
N GLY A 190 11.37 20.67 -33.13
CA GLY A 190 11.56 20.78 -31.70
C GLY A 190 12.24 19.56 -31.15
N ALA A 191 12.25 19.45 -29.84
CA ALA A 191 12.86 18.32 -29.18
C ALA A 191 12.11 17.94 -27.91
N LYS A 192 12.30 16.68 -27.52
CA LYS A 192 11.77 16.10 -26.29
C LYS A 192 12.91 15.38 -25.63
N VAL A 193 12.96 15.40 -24.31
CA VAL A 193 14.05 14.76 -23.59
C VAL A 193 13.52 13.54 -22.85
N VAL A 194 14.44 12.67 -22.39
CA VAL A 194 14.13 11.40 -21.70
C VAL A 194 13.30 10.49 -22.64
N ALA A 195 13.83 10.25 -23.86
CA ALA A 195 13.19 9.35 -24.83
C ALA A 195 13.76 7.94 -24.55
N THR A 196 13.33 7.37 -23.41
CA THR A 196 13.81 6.10 -22.85
C THR A 196 13.61 4.91 -23.79
N ASN A 197 14.72 4.30 -24.23
CA ASN A 197 14.76 3.13 -25.14
C ASN A 197 14.19 3.43 -26.54
N SER A 198 14.06 4.71 -26.95
CA SER A 198 13.53 5.05 -28.29
C SER A 198 14.39 4.49 -29.46
N ALA A 199 15.69 4.20 -29.21
CA ALA A 199 16.61 3.59 -30.20
C ALA A 199 16.10 2.22 -30.65
N LEU A 200 15.27 1.57 -29.82
CA LEU A 200 14.75 0.23 -30.09
C LEU A 200 13.26 0.21 -30.45
N THR A 201 12.66 1.39 -30.64
CA THR A 201 11.23 1.48 -30.93
C THR A 201 10.92 1.63 -32.42
N HIS A 202 9.64 1.44 -32.79
CA HIS A 202 9.16 1.62 -34.16
C HIS A 202 8.61 3.05 -34.31
N TYR A 203 7.83 3.52 -33.32
CA TYR A 203 7.21 4.85 -33.31
C TYR A 203 7.28 5.51 -31.97
N ASN A 204 7.22 6.84 -31.96
CA ASN A 204 7.13 7.61 -30.73
C ASN A 204 5.87 8.47 -30.81
N MET A 205 5.07 8.51 -29.74
CA MET A 205 3.92 9.41 -29.66
C MET A 205 4.49 10.70 -29.05
N ILE A 206 4.20 11.83 -29.67
CA ILE A 206 4.65 13.16 -29.22
C ILE A 206 3.40 13.98 -28.88
N GLY A 207 3.40 14.55 -27.69
CA GLY A 207 2.30 15.37 -27.19
C GLY A 207 2.78 16.42 -26.21
N GLU A 216 -0.46 30.18 -25.37
CA GLU A 216 -1.63 30.72 -26.07
C GLU A 216 -1.54 30.57 -27.61
N ASN A 217 -0.39 30.08 -28.13
CA ASN A 217 -0.20 29.84 -29.57
C ASN A 217 -0.65 28.39 -29.88
N PRO A 218 -1.71 28.18 -30.70
CA PRO A 218 -2.18 26.81 -30.97
C PRO A 218 -1.20 25.89 -31.74
N ASP A 219 -0.11 26.46 -32.33
CA ASP A 219 0.92 25.70 -33.05
C ASP A 219 1.68 24.71 -32.14
N PHE A 220 1.63 24.94 -30.80
CA PHE A 220 2.24 24.09 -29.78
C PHE A 220 1.29 22.99 -29.28
N ALA A 221 -0.05 23.14 -29.54
CA ALA A 221 -1.11 22.23 -29.12
C ALA A 221 -1.30 21.04 -30.09
N LEU A 222 -0.34 20.10 -30.07
CA LEU A 222 -0.31 18.93 -30.96
C LEU A 222 -0.16 17.59 -30.26
N MET A 223 -0.68 16.53 -30.91
CA MET A 223 -0.46 15.13 -30.56
C MET A 223 -0.40 14.34 -31.85
N PHE A 224 0.71 13.65 -32.05
CA PHE A 224 0.96 12.87 -33.27
C PHE A 224 1.90 11.71 -33.04
N VAL A 225 1.94 10.81 -34.02
CA VAL A 225 2.76 9.61 -34.06
C VAL A 225 3.93 9.89 -35.04
N ALA A 226 5.17 9.63 -34.60
CA ALA A 226 6.32 9.82 -35.47
C ALA A 226 7.13 8.53 -35.62
N PRO A 227 7.37 8.05 -36.86
CA PRO A 227 8.19 6.85 -37.03
C PRO A 227 9.64 7.14 -36.71
N MET A 228 10.35 6.14 -36.21
CA MET A 228 11.76 6.28 -35.87
C MET A 228 12.68 6.45 -37.09
N ASP A 229 12.21 6.12 -38.29
CA ASP A 229 13.00 6.25 -39.51
C ASP A 229 12.60 7.45 -40.42
N ALA A 230 11.79 8.39 -39.93
CA ALA A 230 11.39 9.55 -40.73
C ALA A 230 12.55 10.54 -40.83
N ASP A 231 12.71 11.17 -42.00
CA ASP A 231 13.76 12.17 -42.23
C ASP A 231 13.61 13.32 -41.23
N GLY A 232 14.70 13.63 -40.54
CA GLY A 232 14.68 14.69 -39.55
C GLY A 232 14.50 14.21 -38.11
N VAL A 233 14.08 12.93 -37.93
CA VAL A 233 13.93 12.32 -36.60
C VAL A 233 15.33 11.79 -36.23
N LYS A 234 15.88 12.25 -35.09
CA LYS A 234 17.22 11.84 -34.63
C LYS A 234 17.23 11.63 -33.12
N LEU A 235 18.11 10.72 -32.65
CA LEU A 235 18.35 10.51 -31.23
C LEU A 235 19.77 10.82 -30.88
N ILE A 236 19.96 11.55 -29.79
CA ILE A 236 21.27 11.84 -29.22
C ILE A 236 21.25 11.05 -27.91
N SER A 237 22.08 10.01 -27.85
CA SER A 237 22.11 9.07 -26.73
C SER A 237 22.91 9.56 -25.54
N ARG A 238 22.57 9.00 -24.37
CA ARG A 238 23.36 9.22 -23.16
C ARG A 238 24.46 8.12 -23.18
N ALA A 239 25.37 8.13 -22.19
CA ALA A 239 26.42 7.11 -22.06
C ALA A 239 25.76 5.71 -21.99
N SER A 240 26.40 4.73 -22.63
CA SER A 240 25.83 3.37 -22.67
C SER A 240 26.45 2.50 -21.58
N TYR A 241 25.63 2.07 -20.61
CA TYR A 241 26.15 1.20 -19.55
C TYR A 241 26.40 -0.20 -20.10
N GLU A 242 25.66 -0.58 -21.16
CA GLU A 242 25.88 -1.85 -21.85
C GLU A 242 27.29 -1.85 -22.50
N MET A 243 27.62 -0.78 -23.23
CA MET A 243 28.92 -0.72 -23.91
C MET A 243 30.09 -0.67 -22.93
N VAL A 244 29.94 0.13 -21.86
CA VAL A 244 30.98 0.24 -20.83
C VAL A 244 31.18 -1.10 -20.13
N ALA A 245 30.08 -1.78 -19.74
CA ALA A 245 30.14 -3.12 -19.13
C ALA A 245 30.79 -4.15 -20.08
N GLY A 246 30.55 -4.04 -21.38
CA GLY A 246 31.18 -4.93 -22.35
C GLY A 246 32.66 -4.65 -22.56
N ALA A 247 33.03 -3.36 -22.62
CA ALA A 247 34.41 -2.93 -22.91
C ALA A 247 35.37 -3.09 -21.73
N THR A 248 34.89 -2.88 -20.50
CA THR A 248 35.73 -2.88 -19.30
C THR A 248 35.27 -3.85 -18.21
N GLY A 249 34.22 -4.62 -18.50
CA GLY A 249 33.68 -5.56 -17.52
C GLY A 249 33.34 -6.89 -18.17
N SER A 250 32.34 -7.58 -17.64
CA SER A 250 31.88 -8.85 -18.19
C SER A 250 30.45 -9.08 -17.65
N PRO A 251 29.68 -10.05 -18.22
CA PRO A 251 28.35 -10.36 -17.64
C PRO A 251 28.45 -10.73 -16.15
N TYR A 252 29.51 -11.44 -15.71
CA TYR A 252 29.70 -11.80 -14.29
C TYR A 252 29.80 -10.55 -13.39
N ASP A 253 30.53 -9.55 -13.87
CA ASP A 253 30.78 -8.30 -13.14
C ASP A 253 29.61 -7.33 -13.19
N TYR A 254 28.93 -7.23 -14.34
CA TYR A 254 27.79 -6.31 -14.55
C TYR A 254 26.65 -7.09 -15.22
N PRO A 255 25.98 -7.98 -14.46
CA PRO A 255 24.96 -8.85 -15.08
C PRO A 255 23.66 -8.18 -15.55
N LEU A 256 23.35 -6.98 -15.04
CA LEU A 256 22.15 -6.24 -15.43
C LEU A 256 22.48 -5.18 -16.49
N SER A 257 23.56 -4.39 -16.25
CA SER A 257 24.05 -3.37 -17.18
C SER A 257 24.29 -3.98 -18.58
N SER A 258 24.83 -5.22 -18.62
CA SER A 258 25.19 -5.88 -19.88
C SER A 258 24.05 -6.34 -20.77
N ARG A 259 22.79 -6.39 -20.27
N ARG A 259 22.79 -6.39 -20.25
CA ARG A 259 21.66 -6.87 -21.07
CA ARG A 259 21.66 -6.90 -21.04
C ARG A 259 20.36 -6.04 -20.97
C ARG A 259 20.37 -6.05 -20.96
N PHE A 260 20.19 -5.23 -19.91
CA PHE A 260 18.93 -4.47 -19.71
C PHE A 260 19.03 -2.94 -19.77
N ASP A 261 20.12 -2.39 -20.33
CA ASP A 261 20.25 -0.94 -20.40
C ASP A 261 19.27 -0.29 -21.41
N GLU A 262 18.42 0.63 -20.95
CA GLU A 262 17.45 1.34 -21.82
C GLU A 262 17.95 2.77 -21.93
N ASN A 263 18.59 3.08 -23.05
CA ASN A 263 19.24 4.37 -23.25
C ASN A 263 18.26 5.56 -23.24
N ASP A 264 18.46 6.52 -22.28
CA ASP A 264 17.64 7.73 -22.13
C ASP A 264 18.14 8.82 -23.08
N ALA A 265 17.52 8.90 -24.23
CA ALA A 265 17.97 9.81 -25.27
C ALA A 265 17.24 11.16 -25.33
N ILE A 266 17.80 12.07 -26.12
CA ILE A 266 17.19 13.32 -26.50
C ILE A 266 16.59 13.00 -27.90
N LEU A 267 15.28 13.24 -28.08
CA LEU A 267 14.61 13.03 -29.36
C LEU A 267 14.50 14.36 -30.07
N VAL A 268 15.16 14.46 -31.24
CA VAL A 268 15.17 15.68 -32.04
C VAL A 268 14.27 15.49 -33.25
N MET A 269 13.50 16.52 -33.56
CA MET A 269 12.67 16.58 -34.74
C MET A 269 13.07 17.82 -35.50
N ASP A 270 13.71 17.60 -36.65
CA ASP A 270 14.21 18.68 -37.47
C ASP A 270 13.44 18.69 -38.79
N ASN A 271 12.45 19.62 -38.90
CA ASN A 271 11.63 19.78 -40.10
CA ASN A 271 11.62 19.80 -40.09
C ASN A 271 11.06 18.45 -40.60
N VAL A 272 10.38 17.72 -39.71
CA VAL A 272 9.80 16.40 -39.97
C VAL A 272 8.40 16.49 -40.55
N LEU A 273 8.15 15.77 -41.66
N LEU A 273 8.15 15.78 -41.66
CA LEU A 273 6.82 15.69 -42.24
CA LEU A 273 6.81 15.69 -42.25
C LEU A 273 6.05 14.56 -41.53
C LEU A 273 6.07 14.58 -41.51
N ILE A 274 4.93 14.92 -40.92
CA ILE A 274 4.06 13.96 -40.21
C ILE A 274 2.83 13.84 -41.09
N PRO A 275 2.58 12.68 -41.73
CA PRO A 275 1.38 12.56 -42.57
C PRO A 275 0.08 12.70 -41.77
N TRP A 276 -0.99 13.20 -42.40
CA TRP A 276 -2.30 13.41 -41.76
C TRP A 276 -2.83 12.17 -41.05
N GLU A 277 -2.47 10.96 -41.54
CA GLU A 277 -2.83 9.65 -40.97
C GLU A 277 -2.23 9.43 -39.57
N ASN A 278 -1.19 10.21 -39.21
CA ASN A 278 -0.47 10.11 -37.94
C ASN A 278 -0.81 11.21 -36.94
N VAL A 279 -1.69 12.16 -37.34
CA VAL A 279 -2.11 13.28 -36.48
C VAL A 279 -3.28 12.82 -35.59
N LEU A 280 -3.23 13.15 -34.28
CA LEU A 280 -4.33 12.79 -33.38
C LEU A 280 -5.03 14.01 -32.78
N ILE A 281 -4.28 15.08 -32.45
CA ILE A 281 -4.80 16.36 -31.94
C ILE A 281 -4.07 17.44 -32.72
N TYR A 282 -4.84 18.37 -33.32
CA TYR A 282 -4.27 19.42 -34.16
C TYR A 282 -4.72 20.84 -33.80
N ARG A 283 -3.73 21.69 -33.37
CA ARG A 283 -3.90 23.11 -32.99
C ARG A 283 -5.14 23.27 -32.11
N ASP A 284 -5.24 22.41 -31.09
CA ASP A 284 -6.41 22.30 -30.24
C ASP A 284 -6.03 22.28 -28.75
N PHE A 285 -5.96 23.48 -28.13
CA PHE A 285 -5.63 23.64 -26.72
C PHE A 285 -6.66 22.99 -25.80
N ASP A 286 -7.94 22.97 -26.22
CA ASP A 286 -9.04 22.36 -25.48
C ASP A 286 -8.84 20.84 -25.34
N ARG A 287 -8.54 20.14 -26.47
CA ARG A 287 -8.31 18.69 -26.48
C ARG A 287 -7.01 18.29 -25.75
N CYS A 288 -5.95 19.11 -25.85
CA CYS A 288 -4.66 18.88 -25.18
C CYS A 288 -4.81 18.93 -23.67
N ARG A 289 -5.53 19.95 -23.15
CA ARG A 289 -5.80 20.14 -21.72
C ARG A 289 -6.71 19.03 -21.17
N ARG A 290 -7.69 18.58 -21.96
CA ARG A 290 -8.63 17.51 -21.59
C ARG A 290 -8.06 16.08 -21.70
N TRP A 291 -6.99 15.87 -22.50
CA TRP A 291 -6.41 14.54 -22.78
C TRP A 291 -5.91 13.78 -21.54
N THR A 292 -5.24 14.43 -20.59
CA THR A 292 -4.76 13.75 -19.37
C THR A 292 -5.94 13.10 -18.61
N MET A 293 -7.05 13.83 -18.46
CA MET A 293 -8.26 13.37 -17.76
C MET A 293 -9.18 12.47 -18.60
N GLU A 294 -9.35 12.76 -19.91
CA GLU A 294 -10.30 12.07 -20.78
C GLU A 294 -9.72 11.04 -21.77
N GLY A 295 -8.45 11.21 -22.14
CA GLY A 295 -7.75 10.33 -23.10
C GLY A 295 -7.72 8.86 -22.72
N GLY A 296 -7.53 8.59 -21.44
CA GLY A 296 -7.48 7.21 -20.95
C GLY A 296 -6.10 6.69 -20.61
N PHE A 297 -5.06 7.07 -21.39
CA PHE A 297 -3.69 6.58 -21.21
C PHE A 297 -3.14 6.79 -19.80
N ALA A 298 -3.29 8.01 -19.24
CA ALA A 298 -2.83 8.36 -17.89
C ALA A 298 -3.57 7.52 -16.84
N ARG A 299 -4.79 7.05 -17.17
CA ARG A 299 -5.66 6.23 -16.33
C ARG A 299 -5.39 4.73 -16.58
N MET A 300 -4.37 4.38 -17.38
CA MET A 300 -4.07 2.99 -17.77
C MET A 300 -2.63 2.54 -17.55
N TYR A 301 -1.64 3.31 -18.06
CA TYR A 301 -0.21 2.96 -17.99
C TYR A 301 0.30 2.67 -16.55
N PRO A 302 -0.14 3.36 -15.44
CA PRO A 302 0.45 3.04 -14.12
C PRO A 302 0.17 1.61 -13.67
N LEU A 303 -0.79 0.90 -14.29
CA LEU A 303 -1.02 -0.51 -13.99
C LEU A 303 0.25 -1.30 -14.44
N GLN A 304 0.73 -1.01 -15.67
CA GLN A 304 1.95 -1.63 -16.19
C GLN A 304 3.15 -1.29 -15.29
N ALA A 305 3.33 0.02 -14.94
CA ALA A 305 4.47 0.49 -14.15
C ALA A 305 4.49 -0.09 -12.74
N CYS A 306 3.32 -0.22 -12.10
CA CYS A 306 3.22 -0.79 -10.75
C CYS A 306 3.60 -2.29 -10.75
N VAL A 307 3.10 -3.03 -11.73
CA VAL A 307 3.44 -4.45 -11.89
C VAL A 307 4.96 -4.63 -12.15
N ARG A 308 5.50 -3.83 -13.07
CA ARG A 308 6.91 -3.85 -13.43
C ARG A 308 7.76 -3.62 -12.17
N LEU A 309 7.43 -2.57 -11.37
CA LEU A 309 8.15 -2.31 -10.13
C LEU A 309 7.99 -3.48 -9.14
N ALA A 310 6.76 -4.05 -9.01
CA ALA A 310 6.50 -5.15 -8.09
C ALA A 310 7.38 -6.36 -8.43
N VAL A 311 7.58 -6.64 -9.74
CA VAL A 311 8.47 -7.72 -10.21
C VAL A 311 9.92 -7.38 -9.85
N LYS A 312 10.34 -6.12 -10.08
CA LYS A 312 11.70 -5.70 -9.69
C LYS A 312 11.89 -5.87 -8.18
N LEU A 313 10.85 -5.57 -7.36
CA LEU A 313 10.92 -5.72 -5.89
C LEU A 313 10.95 -7.19 -5.45
N ASP A 314 10.30 -8.10 -6.19
CA ASP A 314 10.42 -9.56 -5.95
C ASP A 314 11.91 -9.93 -6.05
N PHE A 315 12.57 -9.44 -7.13
CA PHE A 315 13.99 -9.68 -7.42
C PHE A 315 14.89 -9.08 -6.34
N ILE A 316 14.72 -7.80 -6.03
CA ILE A 316 15.55 -7.10 -5.03
C ILE A 316 15.41 -7.73 -3.64
N THR A 317 14.17 -8.09 -3.25
CA THR A 317 13.90 -8.69 -1.93
C THR A 317 14.70 -9.98 -1.74
N ALA A 318 14.58 -10.93 -2.70
CA ALA A 318 15.31 -12.20 -2.61
C ALA A 318 16.81 -11.98 -2.77
N LEU A 319 17.21 -11.03 -3.62
CA LEU A 319 18.65 -10.72 -3.81
C LEU A 319 19.27 -10.16 -2.51
N LEU A 320 18.51 -9.34 -1.79
CA LEU A 320 18.94 -8.81 -0.48
C LEU A 320 19.06 -9.98 0.52
N LYS A 321 18.07 -10.88 0.56
CA LYS A 321 18.15 -12.03 1.46
C LYS A 321 19.40 -12.89 1.14
N LYS A 322 19.65 -13.18 -0.15
CA LYS A 322 20.84 -13.93 -0.60
C LYS A 322 22.13 -13.24 -0.18
N SER A 323 22.19 -11.91 -0.38
CA SER A 323 23.37 -11.10 0.00
C SER A 323 23.63 -11.17 1.52
N LEU A 324 22.57 -11.13 2.34
CA LEU A 324 22.68 -11.16 3.82
C LEU A 324 23.03 -12.56 4.35
N GLU A 325 22.65 -13.62 3.61
CA GLU A 325 23.02 -15.00 3.91
C GLU A 325 24.54 -15.12 3.74
N CYS A 326 25.09 -14.49 2.67
CA CYS A 326 26.52 -14.44 2.34
C CYS A 326 27.33 -13.68 3.37
N THR A 327 26.86 -12.51 3.82
CA THR A 327 27.56 -11.71 4.82
C THR A 327 27.42 -12.33 6.25
N GLY A 328 26.38 -13.14 6.45
CA GLY A 328 26.09 -13.76 7.74
C GLY A 328 25.42 -12.84 8.75
N THR A 329 25.09 -11.60 8.35
CA THR A 329 24.43 -10.65 9.25
C THR A 329 22.94 -10.94 9.42
N LEU A 330 22.37 -11.82 8.56
CA LEU A 330 20.96 -12.22 8.63
C LEU A 330 20.59 -12.87 9.98
N GLU A 331 21.60 -13.19 10.81
CA GLU A 331 21.43 -13.74 12.15
C GLU A 331 21.00 -12.65 13.15
N PHE A 332 21.30 -11.37 12.85
CA PHE A 332 20.96 -10.22 13.70
C PHE A 332 19.49 -9.82 13.55
N ARG A 333 18.84 -9.53 14.68
CA ARG A 333 17.45 -9.10 14.79
C ARG A 333 17.16 -7.82 13.96
N GLY A 334 18.01 -6.80 14.10
CA GLY A 334 17.89 -5.54 13.37
C GLY A 334 18.01 -5.70 11.85
N VAL A 335 18.83 -6.68 11.41
CA VAL A 335 19.03 -6.99 9.99
C VAL A 335 17.79 -7.68 9.44
N GLN A 336 17.26 -8.67 10.16
CA GLN A 336 16.04 -9.36 9.79
C GLN A 336 14.83 -8.39 9.72
N ALA A 337 14.79 -7.39 10.63
CA ALA A 337 13.74 -6.37 10.65
C ALA A 337 13.85 -5.49 9.40
N ASP A 338 15.10 -5.08 9.03
CA ASP A 338 15.34 -4.29 7.81
C ASP A 338 14.90 -5.06 6.55
N LEU A 339 15.21 -6.37 6.47
CA LEU A 339 14.77 -7.22 5.36
C LEU A 339 13.23 -7.31 5.36
N GLY A 340 12.63 -7.50 6.54
CA GLY A 340 11.17 -7.55 6.70
C GLY A 340 10.48 -6.30 6.18
N GLU A 341 11.09 -5.12 6.35
CA GLU A 341 10.50 -3.91 5.78
C GLU A 341 10.55 -3.91 4.23
N VAL A 342 11.65 -4.38 3.64
CA VAL A 342 11.76 -4.52 2.17
C VAL A 342 10.63 -5.45 1.68
N VAL A 343 10.39 -6.56 2.41
CA VAL A 343 9.30 -7.50 2.10
C VAL A 343 7.95 -6.74 2.12
N ALA A 344 7.72 -5.90 3.15
CA ALA A 344 6.47 -5.13 3.27
C ALA A 344 6.25 -4.21 2.06
N TRP A 345 7.31 -3.50 1.60
CA TRP A 345 7.22 -2.64 0.42
C TRP A 345 6.94 -3.44 -0.85
N ARG A 346 7.64 -4.58 -1.02
CA ARG A 346 7.41 -5.49 -2.15
C ARG A 346 5.91 -5.91 -2.15
N ASN A 347 5.37 -6.31 -0.98
CA ASN A 347 3.95 -6.74 -0.83
C ASN A 347 2.97 -5.62 -1.18
N THR A 348 3.30 -4.35 -0.82
CA THR A 348 2.46 -3.18 -1.08
C THR A 348 2.13 -3.00 -2.56
N PHE A 349 3.16 -3.05 -3.43
CA PHE A 349 2.99 -2.81 -4.86
C PHE A 349 2.17 -3.92 -5.52
N TRP A 350 2.30 -5.17 -5.05
CA TRP A 350 1.42 -6.25 -5.53
C TRP A 350 -0.04 -6.03 -5.10
N ALA A 351 -0.26 -5.60 -3.83
CA ALA A 351 -1.59 -5.32 -3.27
C ALA A 351 -2.26 -4.15 -4.02
N LEU A 352 -1.48 -3.10 -4.35
CA LEU A 352 -1.98 -1.98 -5.14
C LEU A 352 -2.45 -2.45 -6.53
N SER A 353 -1.68 -3.36 -7.18
CA SER A 353 -2.06 -3.89 -8.50
C SER A 353 -3.33 -4.74 -8.40
N ASP A 354 -3.52 -5.47 -7.27
CA ASP A 354 -4.76 -6.25 -7.02
C ASP A 354 -5.98 -5.32 -6.95
N SER A 355 -5.85 -4.21 -6.20
CA SER A 355 -6.91 -3.21 -6.01
C SER A 355 -7.23 -2.48 -7.33
N MET A 356 -6.18 -2.14 -8.12
CA MET A 356 -6.33 -1.53 -9.46
C MET A 356 -7.31 -2.35 -10.31
N CYS A 357 -7.22 -3.70 -10.24
CA CYS A 357 -8.09 -4.59 -11.02
C CYS A 357 -9.44 -4.86 -10.39
N SER A 358 -9.50 -5.24 -9.11
CA SER A 358 -10.77 -5.59 -8.44
C SER A 358 -11.74 -4.40 -8.34
N GLU A 359 -11.20 -3.16 -8.22
CA GLU A 359 -12.00 -1.94 -8.11
C GLU A 359 -12.15 -1.19 -9.45
N ALA A 360 -11.87 -1.87 -10.56
CA ALA A 360 -11.98 -1.31 -11.90
C ALA A 360 -13.42 -0.82 -12.17
N THR A 361 -13.56 0.28 -12.90
CA THR A 361 -14.89 0.86 -13.21
C THR A 361 -15.17 0.89 -14.72
N PRO A 362 -16.46 0.80 -15.15
CA PRO A 362 -16.75 0.95 -16.60
C PRO A 362 -16.44 2.38 -17.06
N TRP A 363 -15.96 2.53 -18.29
CA TRP A 363 -15.59 3.83 -18.87
C TRP A 363 -16.55 4.16 -20.04
N VAL A 364 -16.11 3.99 -21.29
CA VAL A 364 -16.92 4.25 -22.48
C VAL A 364 -16.80 3.04 -23.39
N ASN A 365 -17.85 2.78 -24.20
CA ASN A 365 -17.88 1.72 -25.21
C ASN A 365 -17.56 0.31 -24.65
N GLY A 366 -17.99 0.06 -23.41
CA GLY A 366 -17.75 -1.22 -22.75
C GLY A 366 -16.38 -1.37 -22.10
N ALA A 367 -15.45 -0.40 -22.33
CA ALA A 367 -14.09 -0.45 -21.76
C ALA A 367 -14.09 -0.27 -20.24
N TYR A 368 -13.10 -0.88 -19.56
CA TYR A 368 -12.91 -0.74 -18.11
C TYR A 368 -11.57 -0.07 -17.85
N LEU A 369 -11.52 0.72 -16.77
CA LEU A 369 -10.31 1.40 -16.34
C LEU A 369 -9.92 0.91 -14.94
N PRO A 370 -8.61 0.71 -14.67
CA PRO A 370 -8.20 0.32 -13.31
C PRO A 370 -8.59 1.39 -12.27
N ASP A 371 -8.66 1.02 -10.98
CA ASP A 371 -8.96 1.96 -9.91
C ASP A 371 -7.98 3.14 -9.96
N HIS A 372 -8.51 4.35 -10.19
CA HIS A 372 -7.71 5.57 -10.34
C HIS A 372 -6.94 5.96 -9.06
N ALA A 373 -7.57 5.82 -7.87
CA ALA A 373 -6.90 6.12 -6.58
C ALA A 373 -5.66 5.26 -6.41
N ALA A 374 -5.75 3.94 -6.73
CA ALA A 374 -4.59 3.02 -6.64
C ALA A 374 -3.44 3.40 -7.59
N LEU A 375 -3.75 3.92 -8.81
CA LEU A 375 -2.71 4.39 -9.76
C LEU A 375 -1.94 5.59 -9.19
N GLN A 376 -2.67 6.56 -8.63
CA GLN A 376 -2.06 7.76 -8.04
C GLN A 376 -1.24 7.40 -6.81
N THR A 377 -1.69 6.41 -6.04
CA THR A 377 -1.01 5.94 -4.80
C THR A 377 0.30 5.30 -5.17
N TYR A 378 0.29 4.42 -6.19
CA TYR A 378 1.53 3.81 -6.67
C TYR A 378 2.56 4.93 -7.03
N ARG A 379 2.12 5.98 -7.76
CA ARG A 379 3.02 7.07 -8.17
C ARG A 379 3.65 7.83 -7.01
N VAL A 380 2.90 8.03 -5.92
CA VAL A 380 3.41 8.73 -4.74
C VAL A 380 4.34 7.83 -3.92
N LEU A 381 3.92 6.59 -3.67
CA LEU A 381 4.70 5.68 -2.81
C LEU A 381 6.00 5.16 -3.43
N ALA A 382 6.01 4.85 -4.75
CA ALA A 382 7.16 4.22 -5.41
C ALA A 382 8.49 4.99 -5.22
N PRO A 383 8.58 6.34 -5.41
CA PRO A 383 9.87 7.03 -5.17
C PRO A 383 10.36 6.89 -3.72
N MET A 384 9.45 7.02 -2.71
N MET A 384 9.42 7.00 -2.75
CA MET A 384 9.80 6.89 -1.28
CA MET A 384 9.61 6.87 -1.29
C MET A 384 10.24 5.46 -0.95
C MET A 384 10.19 5.49 -0.97
N ALA A 385 9.48 4.44 -1.42
CA ALA A 385 9.81 3.03 -1.19
C ALA A 385 11.15 2.69 -1.80
N TYR A 386 11.40 3.06 -3.08
CA TYR A 386 12.62 2.74 -3.78
C TYR A 386 13.85 3.36 -3.11
N ALA A 387 13.79 4.65 -2.77
CA ALA A 387 14.90 5.35 -2.07
C ALA A 387 15.17 4.69 -0.70
N LYS A 388 14.10 4.31 0.02
CA LYS A 388 14.22 3.66 1.34
C LYS A 388 14.81 2.24 1.24
N ILE A 389 14.35 1.44 0.27
CA ILE A 389 14.87 0.10 0.03
C ILE A 389 16.37 0.19 -0.32
N LYS A 390 16.78 1.13 -1.19
CA LYS A 390 18.19 1.28 -1.54
C LYS A 390 19.02 1.64 -0.28
N ASN A 391 18.51 2.55 0.57
CA ASN A 391 19.21 2.91 1.82
CA ASN A 391 19.21 2.91 1.82
C ASN A 391 19.32 1.71 2.76
N ILE A 392 18.25 0.88 2.87
CA ILE A 392 18.27 -0.34 3.69
C ILE A 392 19.40 -1.28 3.19
N ILE A 393 19.48 -1.50 1.87
CA ILE A 393 20.52 -2.38 1.30
C ILE A 393 21.91 -1.82 1.65
N GLU A 394 22.13 -0.53 1.37
CA GLU A 394 23.44 0.10 1.59
C GLU A 394 23.90 0.07 3.05
N ARG A 395 23.00 0.25 4.00
CA ARG A 395 23.39 0.22 5.41
C ARG A 395 23.46 -1.20 5.98
N ASN A 396 22.96 -2.23 5.23
CA ASN A 396 23.01 -3.61 5.73
C ASN A 396 24.11 -4.42 5.10
N VAL A 397 24.50 -4.15 3.86
CA VAL A 397 25.68 -4.83 3.32
C VAL A 397 26.83 -3.80 3.57
N THR A 398 27.20 -3.62 4.87
CA THR A 398 28.13 -2.61 5.43
C THR A 398 29.53 -2.62 4.82
N SER A 399 30.02 -3.79 4.38
CA SER A 399 31.38 -3.90 3.86
C SER A 399 31.45 -4.67 2.52
N GLY A 400 30.63 -5.72 2.42
CA GLY A 400 30.58 -6.67 1.30
C GLY A 400 30.55 -6.15 -0.12
N LEU A 401 29.98 -4.96 -0.35
CA LEU A 401 29.89 -4.41 -1.71
C LEU A 401 31.08 -3.56 -2.16
N ILE A 402 31.68 -2.80 -1.25
CA ILE A 402 32.72 -1.81 -1.56
C ILE A 402 34.08 -2.40 -2.01
N TYR A 403 34.48 -3.61 -1.53
CA TYR A 403 35.80 -4.15 -1.86
C TYR A 403 35.78 -5.34 -2.84
N LEU A 404 34.63 -5.64 -3.45
CA LEU A 404 34.51 -6.78 -4.39
C LEU A 404 35.68 -6.85 -5.37
N PRO A 405 36.34 -8.02 -5.59
CA PRO A 405 37.43 -8.06 -6.57
C PRO A 405 36.96 -7.48 -7.90
N SER A 406 37.86 -6.82 -8.60
CA SER A 406 37.61 -6.09 -9.82
C SER A 406 36.87 -6.82 -10.92
N SER A 407 37.18 -8.12 -11.12
CA SER A 407 36.78 -8.79 -12.35
C SER A 407 36.68 -10.30 -12.25
N ALA A 408 35.94 -10.91 -13.19
CA ALA A 408 35.91 -12.37 -13.41
C ALA A 408 37.39 -12.80 -13.77
N ARG A 409 38.22 -11.89 -14.31
CA ARG A 409 39.66 -12.12 -14.60
C ARG A 409 40.44 -12.48 -13.33
N ASP A 410 40.05 -11.92 -12.16
CA ASP A 410 40.66 -12.23 -10.86
C ASP A 410 40.40 -13.70 -10.46
N LEU A 411 39.20 -14.19 -10.75
CA LEU A 411 38.83 -15.58 -10.45
C LEU A 411 39.53 -16.53 -11.39
N ASN A 412 39.82 -16.07 -12.61
CA ASN A 412 40.49 -16.86 -13.64
C ASN A 412 42.02 -16.82 -13.52
N ASN A 413 42.57 -16.08 -12.55
CA ASN A 413 44.02 -16.04 -12.29
C ASN A 413 44.21 -16.83 -10.99
N PRO A 414 44.83 -18.04 -11.03
CA PRO A 414 44.99 -18.84 -9.80
C PRO A 414 45.75 -18.17 -8.66
N GLN A 415 46.71 -17.25 -8.96
CA GLN A 415 47.50 -16.49 -7.98
C GLN A 415 46.60 -15.58 -7.12
N ILE A 416 45.54 -15.03 -7.73
CA ILE A 416 44.57 -14.19 -7.03
C ILE A 416 43.47 -15.08 -6.44
N ASP A 417 42.94 -15.99 -7.27
CA ASP A 417 41.84 -16.87 -6.92
C ASP A 417 42.05 -17.66 -5.62
N GLN A 418 43.29 -18.11 -5.36
CA GLN A 418 43.64 -18.86 -4.16
C GLN A 418 43.34 -18.07 -2.89
N TYR A 419 43.52 -16.73 -2.91
CA TYR A 419 43.19 -15.90 -1.74
C TYR A 419 41.69 -15.63 -1.64
N LEU A 420 41.02 -15.44 -2.77
CA LEU A 420 39.57 -15.24 -2.78
C LEU A 420 38.85 -16.48 -2.23
N ALA A 421 39.34 -17.68 -2.59
CA ALA A 421 38.82 -18.99 -2.12
C ALA A 421 38.93 -19.09 -0.59
N LYS A 422 39.98 -18.51 -0.01
CA LYS A 422 40.20 -18.55 1.44
C LYS A 422 39.49 -17.43 2.21
N TYR A 423 39.58 -16.19 1.71
CA TYR A 423 39.10 -15.03 2.45
C TYR A 423 37.75 -14.46 2.05
N VAL A 424 37.19 -14.88 0.92
CA VAL A 424 35.92 -14.30 0.46
C VAL A 424 34.83 -15.37 0.28
N ARG A 425 34.74 -16.31 1.21
CA ARG A 425 33.71 -17.34 1.18
C ARG A 425 32.40 -16.78 1.74
N GLY A 426 31.30 -17.44 1.38
CA GLY A 426 29.99 -17.08 1.91
C GLY A 426 29.87 -17.62 3.33
N SER A 427 29.28 -16.82 4.24
CA SER A 427 29.09 -17.19 5.64
C SER A 427 28.18 -18.41 5.82
N ASN A 428 27.21 -18.58 4.89
CA ASN A 428 26.23 -19.65 4.84
C ASN A 428 26.71 -20.90 4.08
N GLY A 429 28.02 -20.97 3.80
CA GLY A 429 28.62 -22.12 3.14
C GLY A 429 28.84 -22.02 1.64
N MET A 430 28.48 -20.89 1.01
CA MET A 430 28.68 -20.73 -0.45
C MET A 430 30.18 -20.60 -0.76
N ASP A 431 30.61 -21.10 -1.95
CA ASP A 431 32.01 -20.91 -2.36
C ASP A 431 32.20 -19.43 -2.75
N HIS A 432 33.46 -18.96 -2.84
CA HIS A 432 33.76 -17.56 -3.16
C HIS A 432 33.18 -17.13 -4.52
N VAL A 433 33.17 -18.03 -5.54
CA VAL A 433 32.67 -17.68 -6.88
C VAL A 433 31.18 -17.26 -6.79
N GLN A 434 30.38 -18.04 -6.05
CA GLN A 434 28.95 -17.76 -5.84
C GLN A 434 28.73 -16.53 -4.96
N ARG A 435 29.53 -16.37 -3.87
N ARG A 435 29.53 -16.37 -3.88
CA ARG A 435 29.39 -15.20 -2.99
CA ARG A 435 29.40 -15.21 -2.99
C ARG A 435 29.64 -13.89 -3.77
C ARG A 435 29.65 -13.89 -3.76
N ILE A 436 30.75 -13.84 -4.52
CA ILE A 436 31.14 -12.67 -5.31
C ILE A 436 30.09 -12.39 -6.39
N LYS A 437 29.59 -13.44 -7.04
CA LYS A 437 28.58 -13.35 -8.09
C LYS A 437 27.31 -12.68 -7.57
N ILE A 438 26.78 -13.14 -6.40
CA ILE A 438 25.59 -12.59 -5.76
C ILE A 438 25.79 -11.11 -5.42
N LEU A 439 26.93 -10.79 -4.80
CA LEU A 439 27.21 -9.41 -4.39
C LEU A 439 27.44 -8.47 -5.56
N LYS A 440 28.02 -8.97 -6.67
CA LYS A 440 28.18 -8.17 -7.90
C LYS A 440 26.82 -7.91 -8.53
N LEU A 441 25.91 -8.91 -8.46
CA LEU A 441 24.55 -8.76 -8.96
C LEU A 441 23.83 -7.64 -8.13
N MET A 442 23.99 -7.67 -6.79
CA MET A 442 23.42 -6.64 -5.93
C MET A 442 24.01 -5.26 -6.24
N TRP A 443 25.33 -5.17 -6.42
CA TRP A 443 25.98 -3.90 -6.74
C TRP A 443 25.51 -3.35 -8.08
N ASP A 444 25.33 -4.20 -9.09
CA ASP A 444 24.85 -3.72 -10.39
C ASP A 444 23.41 -3.18 -10.27
N ALA A 445 22.62 -3.75 -9.35
CA ALA A 445 21.24 -3.32 -9.12
C ALA A 445 21.17 -1.95 -8.44
N ILE A 446 22.18 -1.58 -7.62
CA ILE A 446 22.07 -0.35 -6.82
C ILE A 446 23.20 0.67 -6.96
N GLY A 447 24.45 0.25 -7.11
CA GLY A 447 25.61 1.16 -7.09
C GLY A 447 26.35 1.44 -8.38
N SER A 448 26.23 0.53 -9.37
CA SER A 448 26.83 0.76 -10.69
C SER A 448 26.15 2.05 -11.28
N GLU A 449 26.68 2.57 -12.40
CA GLU A 449 26.05 3.73 -13.04
C GLU A 449 24.59 3.40 -13.47
N PHE A 450 24.36 2.16 -13.93
CA PHE A 450 23.05 1.60 -14.28
C PHE A 450 22.11 1.63 -13.02
N GLY A 451 22.64 1.20 -11.85
CA GLY A 451 21.92 1.19 -10.59
C GLY A 451 21.55 2.59 -10.14
N GLY A 452 22.48 3.52 -10.29
CA GLY A 452 22.29 4.96 -10.02
C GLY A 452 21.23 5.57 -10.93
N ARG A 453 21.29 5.25 -12.23
CA ARG A 453 20.30 5.71 -13.21
C ARG A 453 18.91 5.16 -12.86
N HIS A 454 18.84 3.88 -12.48
CA HIS A 454 17.56 3.25 -12.08
C HIS A 454 16.93 3.93 -10.85
N GLU A 455 17.75 4.40 -9.92
CA GLU A 455 17.22 5.12 -8.77
C GLU A 455 16.62 6.46 -9.21
N LEU A 456 17.36 7.21 -10.04
CA LEU A 456 16.91 8.48 -10.60
C LEU A 456 15.61 8.27 -11.40
N TYR A 457 15.52 7.17 -12.16
CA TYR A 457 14.35 6.81 -12.94
C TYR A 457 13.12 6.54 -12.02
N GLU A 458 13.26 5.67 -11.00
CA GLU A 458 12.15 5.33 -10.09
C GLU A 458 11.67 6.54 -9.29
N ILE A 459 12.61 7.42 -8.91
CA ILE A 459 12.23 8.60 -8.13
C ILE A 459 11.43 9.62 -8.98
N ASN A 460 11.90 9.87 -10.21
CA ASN A 460 11.40 10.95 -11.07
C ASN A 460 10.49 10.56 -12.19
N TYR A 461 10.30 9.27 -12.37
CA TYR A 461 9.49 8.63 -13.41
C TYR A 461 8.24 9.44 -13.89
N SER A 462 7.26 9.61 -13.01
CA SER A 462 6.02 10.26 -13.40
C SER A 462 5.92 11.73 -12.96
N GLY A 463 7.06 12.34 -12.61
CA GLY A 463 7.07 13.75 -12.26
C GLY A 463 7.75 14.10 -10.96
N SER A 464 7.79 15.41 -10.66
CA SER A 464 8.39 15.89 -9.41
C SER A 464 7.57 15.36 -8.20
N GLN A 465 8.19 15.37 -7.01
CA GLN A 465 7.54 14.93 -5.76
C GLN A 465 6.28 15.73 -5.44
N ASP A 466 6.28 17.05 -5.68
CA ASP A 466 5.09 17.88 -5.48
C ASP A 466 4.02 17.57 -6.51
N GLU A 467 4.42 17.42 -7.79
CA GLU A 467 3.47 17.14 -8.87
C GLU A 467 2.70 15.83 -8.68
N ILE A 468 3.39 14.73 -8.31
CA ILE A 468 2.72 13.43 -8.12
C ILE A 468 1.73 13.49 -6.93
N ARG A 469 2.08 14.25 -5.87
CA ARG A 469 1.21 14.42 -4.70
C ARG A 469 -0.01 15.29 -5.05
N LEU A 470 0.20 16.37 -5.85
CA LEU A 470 -0.87 17.23 -6.33
C LEU A 470 -1.88 16.45 -7.17
N GLN A 471 -1.39 15.54 -8.03
CA GLN A 471 -2.26 14.74 -8.90
C GLN A 471 -3.06 13.70 -8.08
N CYS A 472 -2.48 13.24 -6.96
CA CYS A 472 -3.14 12.32 -6.04
C CYS A 472 -4.30 13.08 -5.34
N LEU A 473 -4.04 14.33 -4.89
CA LEU A 473 -5.08 15.18 -4.31
C LEU A 473 -6.19 15.50 -5.34
N ARG A 474 -5.80 15.91 -6.55
CA ARG A 474 -6.77 16.23 -7.61
C ARG A 474 -7.67 15.05 -7.93
N GLN A 475 -7.12 13.82 -7.94
CA GLN A 475 -7.93 12.62 -8.19
C GLN A 475 -8.98 12.43 -7.07
N ALA A 476 -8.59 12.61 -5.78
CA ALA A 476 -9.54 12.46 -4.67
C ALA A 476 -10.68 13.49 -4.81
N GLN A 477 -10.36 14.71 -5.24
CA GLN A 477 -11.33 15.78 -5.44
C GLN A 477 -12.24 15.53 -6.65
N ASN A 478 -11.65 15.24 -7.83
CA ASN A 478 -12.41 15.02 -9.08
C ASN A 478 -13.28 13.78 -9.07
N SER A 479 -12.87 12.71 -8.37
CA SER A 479 -13.65 11.47 -8.31
C SER A 479 -14.86 11.54 -7.37
N GLY A 480 -14.90 12.53 -6.48
CA GLY A 480 -15.93 12.60 -5.46
C GLY A 480 -15.49 11.94 -4.15
N ASN A 481 -14.27 11.33 -4.11
CA ASN A 481 -13.74 10.70 -2.89
C ASN A 481 -13.62 11.70 -1.74
N MET A 482 -13.07 12.91 -2.02
CA MET A 482 -12.91 13.95 -0.99
C MET A 482 -14.28 14.41 -0.45
N ASP A 483 -15.30 14.55 -1.34
CA ASP A 483 -16.65 14.94 -0.93
C ASP A 483 -17.24 13.93 0.04
N LYS A 484 -17.00 12.63 -0.19
CA LYS A 484 -17.50 11.57 0.69
C LYS A 484 -16.76 11.56 2.04
N MET A 485 -15.43 11.79 2.04
CA MET A 485 -14.66 11.85 3.30
C MET A 485 -15.16 13.08 4.09
N MET A 486 -15.38 14.21 3.37
CA MET A 486 -15.88 15.47 3.92
C MET A 486 -17.29 15.29 4.53
N ALA A 487 -18.14 14.48 3.89
CA ALA A 487 -19.49 14.21 4.42
C ALA A 487 -19.41 13.56 5.82
N MET A 488 -18.40 12.69 6.04
CA MET A 488 -18.19 12.05 7.34
C MET A 488 -17.75 13.07 8.40
N VAL A 489 -16.82 13.97 8.04
CA VAL A 489 -16.34 15.03 8.95
C VAL A 489 -17.51 15.99 9.26
N ASP A 490 -18.31 16.38 8.22
CA ASP A 490 -19.47 17.25 8.40
C ASP A 490 -20.49 16.62 9.34
N ARG A 491 -20.66 15.29 9.29
CA ARG A 491 -21.58 14.58 10.19
C ARG A 491 -21.06 14.66 11.62
N CYS A 492 -19.74 14.44 11.83
CA CYS A 492 -19.14 14.53 13.16
C CYS A 492 -19.42 15.93 13.75
N LEU A 493 -19.11 16.98 12.97
CA LEU A 493 -19.34 18.40 13.35
C LEU A 493 -20.81 18.73 13.66
N SER A 494 -21.76 18.11 12.95
CA SER A 494 -23.19 18.39 13.17
C SER A 494 -23.71 17.78 14.50
N GLU A 495 -22.93 16.91 15.14
CA GLU A 495 -23.38 16.20 16.34
C GLU A 495 -23.19 16.97 17.64
N TYR A 496 -22.70 18.21 17.54
CA TYR A 496 -22.50 19.07 18.71
C TYR A 496 -22.38 20.51 18.27
N ASP A 497 -22.47 21.42 19.22
CA ASP A 497 -22.30 22.86 19.01
C ASP A 497 -21.73 23.48 20.28
N GLN A 498 -21.62 24.81 20.32
CA GLN A 498 -21.08 25.55 21.48
C GLN A 498 -21.90 25.37 22.77
N ASP A 499 -23.13 24.82 22.65
CA ASP A 499 -24.00 24.58 23.81
C ASP A 499 -24.00 23.11 24.28
N GLY A 500 -23.40 22.19 23.52
CA GLY A 500 -23.36 20.78 23.88
C GLY A 500 -23.68 19.87 22.72
N TRP A 501 -24.05 18.61 23.03
CA TRP A 501 -24.42 17.61 22.04
C TRP A 501 -25.73 17.99 21.33
N THR A 502 -25.88 17.63 20.05
CA THR A 502 -27.13 17.88 19.35
C THR A 502 -27.79 16.50 19.11
N VAL A 503 -27.14 15.43 19.58
CA VAL A 503 -27.59 14.04 19.46
C VAL A 503 -28.08 13.54 20.82
N PRO A 504 -29.17 12.76 20.90
CA PRO A 504 -29.73 12.40 22.23
C PRO A 504 -29.04 11.28 23.00
N HIS A 505 -28.18 10.48 22.36
CA HIS A 505 -27.59 9.33 23.05
C HIS A 505 -26.43 9.68 23.98
N LEU A 506 -25.87 10.90 23.88
CA LEU A 506 -24.71 11.29 24.69
C LEU A 506 -25.06 12.19 25.87
N HIS A 507 -24.29 12.05 26.96
CA HIS A 507 -24.48 12.82 28.18
C HIS A 507 -23.76 14.15 28.10
N ASN A 508 -24.50 15.22 28.34
CA ASN A 508 -23.93 16.57 28.41
C ASN A 508 -23.13 16.70 29.72
N ASN A 509 -22.19 17.63 29.76
CA ASN A 509 -21.31 17.78 30.93
C ASN A 509 -21.80 18.73 32.03
N ASP A 510 -23.05 19.22 31.96
CA ASP A 510 -23.63 20.14 32.95
C ASP A 510 -23.54 19.62 34.38
N ASP A 511 -23.68 18.30 34.57
CA ASP A 511 -23.64 17.66 35.88
C ASP A 511 -22.21 17.39 36.38
N ILE A 512 -21.18 17.51 35.51
CA ILE A 512 -19.80 17.22 35.92
C ILE A 512 -18.81 18.36 35.68
N ASN A 513 -19.16 19.37 34.85
CA ASN A 513 -18.24 20.48 34.58
C ASN A 513 -18.06 21.30 35.84
N MET A 514 -16.79 21.45 36.29
N MET A 514 -16.80 21.48 36.26
CA MET A 514 -16.43 22.14 37.54
CA MET A 514 -16.47 22.14 37.51
C MET A 514 -15.92 23.58 37.39
C MET A 514 -15.95 23.59 37.39
N LEU A 515 -15.90 24.13 36.16
CA LEU A 515 -15.37 25.48 35.89
C LEU A 515 -16.13 26.63 36.59
N ASP A 516 -17.47 26.60 36.66
CA ASP A 516 -18.25 27.62 37.41
C ASP A 516 -17.85 27.67 38.88
N LYS A 517 -17.77 26.47 39.52
CA LYS A 517 -17.42 26.32 40.93
C LYS A 517 -15.96 26.73 41.20
N LEU A 518 -15.07 26.47 40.25
CA LEU A 518 -13.64 26.77 40.34
C LEU A 518 -13.29 28.24 40.11
N LEU A 519 -13.94 28.88 39.14
CA LEU A 519 -13.64 30.25 38.74
C LEU A 519 -14.54 31.29 39.41
N LYS A 520 -15.51 30.83 40.25
CA LYS A 520 -16.40 31.73 41.02
C LYS A 520 -15.54 32.73 41.84
N MET B 1 -26.63 -14.43 36.56
CA MET B 1 -27.16 -14.03 35.27
C MET B 1 -26.06 -13.84 34.22
N LYS B 2 -26.24 -14.49 33.05
CA LYS B 2 -25.32 -14.41 31.90
C LYS B 2 -25.63 -13.12 31.11
N PRO B 3 -24.63 -12.44 30.48
CA PRO B 3 -24.94 -11.21 29.70
C PRO B 3 -25.98 -11.38 28.58
N GLU B 4 -26.01 -12.54 27.90
CA GLU B 4 -26.96 -12.85 26.82
C GLU B 4 -28.43 -12.89 27.27
N ASP B 5 -28.68 -13.15 28.59
CA ASP B 5 -30.02 -13.20 29.16
C ASP B 5 -30.69 -11.81 29.25
N PHE B 6 -29.93 -10.74 28.95
CA PHE B 6 -30.45 -9.37 28.91
C PHE B 6 -31.23 -9.11 27.61
N ARG B 7 -31.07 -9.98 26.60
CA ARG B 7 -31.79 -9.85 25.32
C ARG B 7 -33.24 -10.31 25.47
N ALA B 8 -34.17 -9.54 24.89
CA ALA B 8 -35.60 -9.87 24.87
C ALA B 8 -35.88 -10.96 23.80
N SER B 9 -34.92 -11.19 22.88
CA SER B 9 -35.03 -12.18 21.79
C SER B 9 -33.72 -12.95 21.61
N THR B 10 -33.85 -14.24 21.25
CA THR B 10 -32.69 -15.12 20.96
C THR B 10 -32.34 -15.09 19.46
N GLN B 11 -33.16 -14.38 18.64
CA GLN B 11 -33.04 -14.27 17.17
C GLN B 11 -32.16 -13.10 16.71
N ARG B 12 -31.49 -12.37 17.64
CA ARG B 12 -30.69 -11.20 17.28
C ARG B 12 -29.67 -10.87 18.34
N PRO B 13 -28.62 -10.08 18.02
CA PRO B 13 -27.70 -9.63 19.08
C PRO B 13 -28.39 -8.59 19.97
N PHE B 14 -27.68 -8.10 21.00
CA PHE B 14 -28.18 -7.06 21.90
C PHE B 14 -28.58 -5.81 21.11
N THR B 15 -29.54 -5.06 21.68
CA THR B 15 -29.85 -3.71 21.25
C THR B 15 -28.90 -2.86 22.16
N GLY B 16 -28.82 -1.55 21.94
CA GLY B 16 -28.00 -0.67 22.78
C GLY B 16 -28.41 -0.67 24.24
N GLU B 17 -29.73 -0.61 24.49
CA GLU B 17 -30.35 -0.61 25.82
C GLU B 17 -29.99 -1.89 26.58
N GLU B 18 -30.12 -3.08 25.91
CA GLU B 18 -29.82 -4.39 26.50
C GLU B 18 -28.32 -4.51 26.81
N TYR B 19 -27.46 -4.00 25.92
CA TYR B 19 -26.01 -3.99 26.13
C TYR B 19 -25.68 -3.15 27.37
N LEU B 20 -26.25 -1.93 27.48
CA LEU B 20 -26.00 -1.07 28.65
C LEU B 20 -26.45 -1.74 29.94
N LYS B 21 -27.60 -2.43 29.94
CA LYS B 21 -28.09 -3.15 31.13
C LYS B 21 -27.13 -4.27 31.55
N SER B 22 -26.58 -5.00 30.55
CA SER B 22 -25.63 -6.09 30.76
C SER B 22 -24.32 -5.66 31.44
N LEU B 23 -23.99 -4.36 31.40
CA LEU B 23 -22.75 -3.84 32.03
C LEU B 23 -22.97 -3.48 33.50
N GLN B 24 -24.25 -3.44 33.96
CA GLN B 24 -24.64 -3.10 35.33
C GLN B 24 -24.62 -4.37 36.19
N ASP B 25 -23.44 -4.99 36.26
CA ASP B 25 -23.22 -6.27 36.92
C ASP B 25 -22.19 -6.10 38.05
N GLY B 26 -21.56 -7.20 38.43
CA GLY B 26 -20.57 -7.19 39.50
C GLY B 26 -19.15 -6.87 39.09
N ARG B 27 -18.94 -6.24 37.90
CA ARG B 27 -17.58 -5.86 37.46
C ARG B 27 -16.92 -4.91 38.47
N GLU B 28 -15.66 -5.17 38.78
CA GLU B 28 -14.91 -4.39 39.76
C GLU B 28 -13.82 -3.55 39.07
N ILE B 29 -14.13 -2.28 38.87
CA ILE B 29 -13.26 -1.33 38.18
C ILE B 29 -12.87 -0.21 39.12
N TYR B 30 -11.59 0.16 39.11
CA TYR B 30 -11.08 1.29 39.88
C TYR B 30 -10.60 2.36 38.94
N ILE B 31 -10.80 3.63 39.34
CA ILE B 31 -10.29 4.81 38.65
C ILE B 31 -10.19 5.93 39.67
N TYR B 32 -9.12 6.75 39.59
CA TYR B 32 -8.90 7.87 40.52
C TYR B 32 -9.02 7.46 41.99
N GLY B 33 -8.43 6.32 42.31
CA GLY B 33 -8.39 5.79 43.68
C GLY B 33 -9.70 5.30 44.24
N GLU B 34 -10.76 5.17 43.41
CA GLU B 34 -12.12 4.79 43.85
C GLU B 34 -12.71 3.66 43.02
N ARG B 35 -13.57 2.83 43.62
CA ARG B 35 -14.26 1.80 42.85
C ARG B 35 -15.45 2.41 42.08
N VAL B 36 -15.58 2.09 40.79
CA VAL B 36 -16.68 2.53 39.93
C VAL B 36 -17.97 1.83 40.41
N LYS B 37 -19.05 2.58 40.61
CA LYS B 37 -20.29 1.95 41.06
C LYS B 37 -21.06 1.38 39.87
N ASP B 38 -21.17 2.16 38.78
CA ASP B 38 -21.91 1.74 37.57
C ASP B 38 -21.20 2.35 36.37
N VAL B 39 -20.59 1.50 35.49
CA VAL B 39 -19.86 2.02 34.32
C VAL B 39 -20.72 2.86 33.38
N THR B 40 -22.02 2.54 33.29
CA THR B 40 -22.91 3.23 32.35
C THR B 40 -23.28 4.66 32.78
N THR B 41 -23.06 5.00 34.05
CA THR B 41 -23.37 6.34 34.60
C THR B 41 -22.13 7.09 35.08
N HIS B 42 -21.00 6.38 35.28
CA HIS B 42 -19.76 6.98 35.76
C HIS B 42 -19.21 8.03 34.74
N PRO B 43 -18.80 9.23 35.22
CA PRO B 43 -18.31 10.27 34.28
C PRO B 43 -17.07 9.92 33.43
N ALA B 44 -16.32 8.84 33.78
CA ALA B 44 -15.15 8.41 32.98
C ALA B 44 -15.51 7.42 31.85
N PHE B 45 -16.69 6.80 31.90
CA PHE B 45 -17.05 5.74 30.94
C PHE B 45 -18.40 5.86 30.24
N ARG B 46 -19.32 6.70 30.76
CA ARG B 46 -20.72 6.77 30.29
C ARG B 46 -20.89 7.06 28.79
N ASN B 47 -20.11 7.98 28.21
CA ASN B 47 -20.23 8.31 26.78
C ASN B 47 -19.58 7.26 25.89
N ALA B 48 -18.42 6.68 26.32
CA ALA B 48 -17.77 5.58 25.60
C ALA B 48 -18.76 4.37 25.60
N ALA B 49 -19.45 4.14 26.75
CA ALA B 49 -20.47 3.07 26.85
C ALA B 49 -21.63 3.37 25.90
N ALA B 50 -22.11 4.63 25.88
CA ALA B 50 -23.17 5.08 24.98
C ALA B 50 -22.75 4.95 23.49
N SER B 51 -21.45 5.22 23.16
CA SER B 51 -20.93 5.06 21.80
C SER B 51 -20.95 3.61 21.32
N VAL B 52 -20.59 2.65 22.22
CA VAL B 52 -20.64 1.22 21.88
C VAL B 52 -22.10 0.77 21.72
N ALA B 53 -23.00 1.30 22.59
CA ALA B 53 -24.44 0.99 22.54
C ALA B 53 -25.03 1.36 21.18
N GLN B 54 -24.57 2.47 20.56
CA GLN B 54 -25.03 2.90 19.23
C GLN B 54 -24.70 1.87 18.16
N LEU B 55 -23.53 1.17 18.29
CA LEU B 55 -23.14 0.11 17.34
C LEU B 55 -24.16 -1.01 17.40
N TYR B 56 -24.54 -1.44 18.63
CA TYR B 56 -25.55 -2.48 18.81
C TYR B 56 -26.90 -2.06 18.23
N ASP B 57 -27.32 -0.77 18.46
CA ASP B 57 -28.58 -0.23 17.89
C ASP B 57 -28.60 -0.23 16.35
N ALA B 58 -27.45 0.08 15.72
CA ALA B 58 -27.27 0.12 14.27
C ALA B 58 -27.52 -1.22 13.61
N LEU B 59 -27.31 -2.33 14.34
CA LEU B 59 -27.57 -3.71 13.83
C LEU B 59 -29.06 -3.96 13.55
N HIS B 60 -29.94 -3.19 14.20
CA HIS B 60 -31.39 -3.36 14.09
C HIS B 60 -32.10 -2.25 13.27
N LYS B 61 -31.34 -1.25 12.78
CA LYS B 61 -31.85 -0.15 11.96
C LYS B 61 -31.98 -0.63 10.49
N PRO B 62 -33.19 -0.53 9.88
CA PRO B 62 -33.34 -0.96 8.46
C PRO B 62 -32.32 -0.34 7.50
N GLU B 63 -32.03 0.97 7.64
CA GLU B 63 -31.07 1.71 6.81
C GLU B 63 -29.61 1.21 6.90
N MET B 64 -29.24 0.51 7.98
CA MET B 64 -27.89 -0.01 8.20
C MET B 64 -27.78 -1.54 8.17
N GLN B 65 -28.84 -2.24 8.55
CA GLN B 65 -28.90 -3.70 8.66
C GLN B 65 -28.42 -4.43 7.39
N ASP B 66 -28.71 -3.88 6.20
CA ASP B 66 -28.34 -4.40 4.89
C ASP B 66 -26.79 -4.52 4.75
N SER B 67 -26.05 -3.51 5.23
CA SER B 67 -24.58 -3.49 5.16
C SER B 67 -23.94 -4.25 6.33
N LEU B 68 -24.60 -4.26 7.49
CA LEU B 68 -24.02 -4.82 8.73
C LEU B 68 -24.26 -6.27 9.04
N CYS B 69 -25.41 -6.83 8.61
CA CYS B 69 -25.83 -8.14 9.06
C CYS B 69 -26.05 -9.20 8.00
N TRP B 70 -25.95 -10.46 8.45
CA TRP B 70 -26.24 -11.71 7.73
C TRP B 70 -27.05 -12.55 8.69
N ASN B 71 -27.68 -13.63 8.19
CA ASN B 71 -28.33 -14.58 9.07
C ASN B 71 -27.22 -15.39 9.75
N THR B 72 -27.53 -15.97 10.92
CA THR B 72 -26.57 -16.84 11.62
C THR B 72 -26.44 -18.16 10.81
N ASP B 73 -25.32 -18.90 11.00
CA ASP B 73 -25.12 -20.19 10.32
C ASP B 73 -25.44 -21.33 11.31
N THR B 74 -26.05 -20.99 12.46
CA THR B 74 -26.34 -21.90 13.56
C THR B 74 -27.69 -22.62 13.45
N GLY B 75 -28.53 -22.17 12.53
CA GLY B 75 -29.89 -22.71 12.36
C GLY B 75 -30.89 -22.12 13.33
N SER B 76 -30.50 -21.04 14.05
CA SER B 76 -31.39 -20.35 15.01
C SER B 76 -32.45 -19.49 14.31
N GLY B 77 -32.21 -19.17 13.04
CA GLY B 77 -33.11 -18.32 12.27
C GLY B 77 -32.90 -16.84 12.54
N GLY B 78 -31.90 -16.52 13.36
CA GLY B 78 -31.58 -15.14 13.71
C GLY B 78 -30.56 -14.50 12.78
N TYR B 79 -30.15 -13.27 13.13
CA TYR B 79 -29.14 -12.52 12.39
C TYR B 79 -28.01 -12.04 13.31
N THR B 80 -26.91 -11.59 12.70
CA THR B 80 -25.73 -11.11 13.43
C THR B 80 -24.89 -10.17 12.55
N HIS B 81 -23.91 -9.47 13.16
CA HIS B 81 -22.97 -8.64 12.41
C HIS B 81 -22.18 -9.61 11.53
N LYS B 82 -21.96 -9.26 10.23
CA LYS B 82 -21.31 -10.16 9.24
C LYS B 82 -19.97 -10.74 9.72
N PHE B 83 -19.19 -9.97 10.48
CA PHE B 83 -17.87 -10.38 10.97
C PHE B 83 -17.92 -11.37 12.16
N PHE B 84 -19.13 -11.71 12.64
CA PHE B 84 -19.29 -12.67 13.77
C PHE B 84 -19.56 -14.09 13.24
N ARG B 85 -19.65 -14.23 11.90
CA ARG B 85 -19.92 -15.49 11.22
C ARG B 85 -18.76 -15.85 10.30
N VAL B 86 -18.34 -17.13 10.30
CA VAL B 86 -17.21 -17.63 9.49
C VAL B 86 -17.39 -17.33 7.98
N ALA B 87 -16.38 -16.69 7.36
CA ALA B 87 -16.35 -16.37 5.92
C ALA B 87 -16.01 -17.63 5.13
N LYS B 88 -16.73 -17.89 4.05
CA LYS B 88 -16.54 -19.12 3.26
C LYS B 88 -16.21 -18.85 1.79
N SER B 89 -15.81 -17.61 1.48
CA SER B 89 -15.41 -17.15 0.16
C SER B 89 -14.73 -15.79 0.25
N ALA B 90 -14.11 -15.39 -0.87
CA ALA B 90 -13.48 -14.08 -1.02
C ALA B 90 -14.58 -13.00 -0.97
N ASP B 91 -15.77 -13.25 -1.58
CA ASP B 91 -16.89 -12.31 -1.52
C ASP B 91 -17.42 -12.12 -0.08
N ASP B 92 -17.44 -13.21 0.73
CA ASP B 92 -17.84 -13.13 2.14
C ASP B 92 -16.93 -12.18 2.88
N LEU B 93 -15.60 -12.25 2.63
CA LEU B 93 -14.63 -11.37 3.27
C LEU B 93 -14.83 -9.91 2.87
N ARG B 94 -15.15 -9.63 1.59
CA ARG B 94 -15.41 -8.27 1.11
C ARG B 94 -16.66 -7.70 1.82
N GLN B 95 -17.71 -8.52 2.00
CA GLN B 95 -18.93 -8.13 2.70
C GLN B 95 -18.60 -7.85 4.18
N GLN B 96 -17.74 -8.67 4.80
CA GLN B 96 -17.32 -8.43 6.21
C GLN B 96 -16.50 -7.15 6.30
N ARG B 97 -15.66 -6.90 5.27
CA ARG B 97 -14.82 -5.69 5.19
C ARG B 97 -15.74 -4.44 5.21
N ASP B 98 -16.79 -4.44 4.38
CA ASP B 98 -17.78 -3.36 4.32
C ASP B 98 -18.59 -3.20 5.60
N ALA B 99 -18.99 -4.31 6.27
CA ALA B 99 -19.73 -4.30 7.54
C ALA B 99 -18.86 -3.68 8.66
N ILE B 100 -17.56 -4.02 8.68
CA ILE B 100 -16.60 -3.44 9.64
C ILE B 100 -16.51 -1.93 9.39
N ALA B 101 -16.37 -1.51 8.09
CA ALA B 101 -16.25 -0.09 7.73
C ALA B 101 -17.48 0.70 8.19
N GLU B 102 -18.69 0.13 7.99
CA GLU B 102 -19.95 0.75 8.44
C GLU B 102 -20.00 0.97 9.95
N TRP B 103 -19.60 -0.03 10.75
CA TRP B 103 -19.52 0.13 12.20
C TRP B 103 -18.44 1.12 12.61
N SER B 104 -17.26 1.07 11.93
CA SER B 104 -16.17 1.96 12.27
C SER B 104 -16.53 3.42 12.00
N ARG B 105 -17.34 3.71 10.95
CA ARG B 105 -17.78 5.06 10.60
C ARG B 105 -18.62 5.74 11.71
N LEU B 106 -19.29 4.94 12.56
CA LEU B 106 -20.07 5.43 13.69
C LEU B 106 -19.19 6.04 14.79
N SER B 107 -17.88 5.74 14.79
CA SER B 107 -16.95 6.41 15.71
C SER B 107 -15.90 7.19 14.92
N TYR B 108 -16.12 7.35 13.58
CA TYR B 108 -15.19 8.06 12.68
C TYR B 108 -13.78 7.45 12.68
N GLY B 109 -13.70 6.15 12.99
CA GLY B 109 -12.45 5.40 13.06
C GLY B 109 -11.70 5.50 14.38
N TRP B 110 -12.29 6.17 15.40
CA TRP B 110 -11.59 6.42 16.68
C TRP B 110 -11.72 5.29 17.71
N MET B 111 -12.71 4.42 17.59
CA MET B 111 -12.74 3.33 18.56
C MET B 111 -12.12 2.09 17.90
N GLY B 112 -11.01 1.65 18.46
CA GLY B 112 -10.22 0.55 17.90
C GLY B 112 -10.46 -0.84 18.48
N ARG B 113 -11.18 -0.95 19.59
N ARG B 113 -11.17 -0.94 19.60
CA ARG B 113 -11.45 -2.24 20.22
CA ARG B 113 -11.44 -2.24 20.25
C ARG B 113 -12.95 -2.49 20.36
C ARG B 113 -12.94 -2.53 20.36
N THR B 114 -13.72 -2.21 19.31
CA THR B 114 -15.18 -2.44 19.31
C THR B 114 -15.47 -3.97 19.22
N PRO B 115 -16.73 -4.45 19.41
CA PRO B 115 -16.96 -5.90 19.47
C PRO B 115 -16.51 -6.73 18.26
N ASP B 116 -16.47 -6.12 17.07
CA ASP B 116 -16.06 -6.80 15.83
C ASP B 116 -14.55 -7.16 15.85
N TYR B 117 -13.75 -6.45 16.68
CA TYR B 117 -12.32 -6.77 16.79
C TYR B 117 -12.10 -8.25 17.24
N LYS B 118 -12.69 -8.65 18.37
N LYS B 118 -12.68 -8.64 18.38
CA LYS B 118 -12.54 -10.01 18.88
CA LYS B 118 -12.53 -10.01 18.90
C LYS B 118 -13.58 -10.99 18.33
C LYS B 118 -13.58 -11.00 18.32
N ALA B 119 -14.48 -10.53 17.43
CA ALA B 119 -15.45 -11.42 16.76
C ALA B 119 -14.68 -12.41 15.84
N ALA B 120 -13.46 -12.00 15.37
CA ALA B 120 -12.55 -12.83 14.58
C ALA B 120 -12.08 -14.03 15.41
N PHE B 121 -11.97 -13.86 16.76
CA PHE B 121 -11.61 -14.95 17.67
C PHE B 121 -12.76 -15.97 17.73
N GLY B 122 -13.99 -15.50 17.84
CA GLY B 122 -15.18 -16.36 17.80
C GLY B 122 -15.19 -17.17 16.52
N CYS B 123 -14.90 -16.51 15.37
CA CYS B 123 -14.82 -17.18 14.06
C CYS B 123 -13.68 -18.21 13.99
N ALA B 124 -12.52 -17.93 14.64
CA ALA B 124 -11.37 -18.85 14.70
C ALA B 124 -11.80 -20.15 15.45
N LEU B 125 -12.58 -20.00 16.56
CA LEU B 125 -13.11 -21.13 17.32
C LEU B 125 -14.10 -21.97 16.48
N GLY B 126 -14.95 -21.28 15.71
CA GLY B 126 -15.95 -21.94 14.87
C GLY B 126 -15.42 -22.64 13.64
N ALA B 127 -14.41 -22.02 12.99
CA ALA B 127 -13.80 -22.55 11.76
C ALA B 127 -12.90 -23.78 12.03
N ASN B 128 -12.15 -23.79 13.16
CA ASN B 128 -11.23 -24.87 13.49
C ASN B 128 -11.39 -25.38 14.96
N PRO B 129 -12.59 -25.90 15.35
CA PRO B 129 -12.76 -26.34 16.75
C PRO B 129 -11.93 -27.58 17.15
N GLY B 130 -11.65 -28.44 16.16
CA GLY B 130 -10.85 -29.66 16.31
C GLY B 130 -9.45 -29.43 16.83
N PHE B 131 -8.92 -28.20 16.67
CA PHE B 131 -7.59 -27.79 17.16
C PHE B 131 -7.48 -27.92 18.69
N TYR B 132 -8.61 -27.71 19.41
CA TYR B 132 -8.66 -27.65 20.87
C TYR B 132 -8.81 -29.02 21.57
N GLY B 133 -8.82 -30.11 20.79
CA GLY B 133 -8.88 -31.49 21.28
C GLY B 133 -10.06 -31.77 22.19
N GLN B 134 -9.80 -32.06 23.48
CA GLN B 134 -10.85 -32.35 24.46
C GLN B 134 -11.76 -31.12 24.75
N PHE B 135 -11.29 -29.89 24.37
CA PHE B 135 -12.06 -28.66 24.55
C PHE B 135 -12.76 -28.20 23.26
N GLU B 136 -12.87 -29.10 22.27
CA GLU B 136 -13.52 -28.85 20.96
C GLU B 136 -14.95 -28.36 21.10
N GLN B 137 -15.75 -29.02 21.95
CA GLN B 137 -17.14 -28.63 22.20
C GLN B 137 -17.25 -27.23 22.84
N ASN B 138 -16.25 -26.81 23.65
CA ASN B 138 -16.23 -25.45 24.24
C ASN B 138 -16.04 -24.42 23.11
N ALA B 139 -15.14 -24.72 22.13
CA ALA B 139 -14.88 -23.85 20.98
C ALA B 139 -16.15 -23.67 20.13
N ARG B 140 -16.87 -24.79 19.86
CA ARG B 140 -18.12 -24.81 19.10
C ARG B 140 -19.20 -23.99 19.80
N ASN B 141 -19.40 -24.23 21.12
CA ASN B 141 -20.40 -23.53 21.94
C ASN B 141 -20.11 -22.03 22.06
N TRP B 142 -18.82 -21.66 22.23
CA TRP B 142 -18.44 -20.25 22.32
C TRP B 142 -18.63 -19.52 21.00
N TYR B 143 -18.34 -20.19 19.86
CA TYR B 143 -18.58 -19.61 18.54
C TYR B 143 -20.08 -19.31 18.41
N THR B 144 -20.93 -20.31 18.73
CA THR B 144 -22.40 -20.18 18.69
C THR B 144 -22.86 -19.00 19.54
N ARG B 145 -22.36 -18.94 20.80
CA ARG B 145 -22.70 -17.89 21.75
C ARG B 145 -22.33 -16.52 21.25
N ILE B 146 -21.05 -16.30 20.87
CA ILE B 146 -20.56 -15.00 20.37
C ILE B 146 -21.36 -14.54 19.15
N GLN B 147 -21.53 -15.44 18.16
CA GLN B 147 -22.24 -15.15 16.92
C GLN B 147 -23.70 -14.74 17.13
N GLU B 148 -24.50 -15.55 17.84
CA GLU B 148 -25.92 -15.26 18.07
C GLU B 148 -26.21 -14.03 18.93
N THR B 149 -25.41 -13.80 19.97
CA THR B 149 -25.66 -12.74 20.94
C THR B 149 -24.94 -11.43 20.64
N GLY B 150 -23.84 -11.52 19.88
CA GLY B 150 -22.99 -10.37 19.60
C GLY B 150 -22.24 -9.99 20.86
N LEU B 151 -21.78 -11.01 21.63
CA LEU B 151 -21.01 -10.81 22.86
C LEU B 151 -19.79 -9.97 22.56
N TYR B 152 -19.50 -9.03 23.46
CA TYR B 152 -18.37 -8.13 23.37
C TYR B 152 -17.18 -8.78 24.06
N PHE B 153 -16.31 -9.36 23.25
CA PHE B 153 -15.09 -9.97 23.76
C PHE B 153 -13.96 -9.01 23.59
N ASN B 154 -12.92 -9.26 24.34
CA ASN B 154 -11.69 -8.52 24.29
C ASN B 154 -10.58 -9.44 24.73
N HIS B 155 -9.38 -8.94 24.73
CA HIS B 155 -8.22 -9.67 25.23
C HIS B 155 -7.26 -8.71 25.90
N ALA B 156 -6.47 -9.26 26.80
CA ALA B 156 -5.39 -8.60 27.52
C ALA B 156 -4.27 -9.62 27.29
N ILE B 157 -3.33 -9.26 26.42
CA ILE B 157 -2.29 -10.21 25.95
C ILE B 157 -0.90 -9.91 26.47
N VAL B 158 -0.63 -8.60 26.70
CA VAL B 158 0.67 -8.10 27.16
C VAL B 158 0.88 -8.48 28.64
N ASN B 159 2.01 -9.11 28.92
CA ASN B 159 2.39 -9.52 30.27
C ASN B 159 2.86 -8.31 31.09
N PRO B 160 2.64 -8.30 32.42
CA PRO B 160 3.10 -7.15 33.22
C PRO B 160 4.61 -7.18 33.43
N PRO B 161 5.26 -6.06 33.83
CA PRO B 161 6.71 -6.10 34.07
C PRO B 161 7.11 -6.97 35.27
N ILE B 162 8.35 -7.47 35.24
CA ILE B 162 8.91 -8.28 36.32
C ILE B 162 10.23 -7.66 36.81
N ASP B 163 10.38 -7.54 38.13
CA ASP B 163 11.59 -7.00 38.74
C ASP B 163 12.65 -8.12 38.69
N ARG B 164 13.72 -7.92 37.89
CA ARG B 164 14.83 -8.88 37.68
C ARG B 164 15.63 -9.22 38.97
N HIS B 165 15.54 -8.37 40.01
CA HIS B 165 16.26 -8.53 41.27
C HIS B 165 15.49 -9.31 42.35
N LEU B 166 14.22 -9.68 42.09
CA LEU B 166 13.41 -10.45 43.04
C LEU B 166 13.73 -11.96 43.00
N PRO B 167 13.47 -12.74 44.08
CA PRO B 167 13.75 -14.19 44.03
C PRO B 167 12.91 -14.91 42.97
N THR B 168 13.41 -16.07 42.48
CA THR B 168 12.75 -16.91 41.46
C THR B 168 11.30 -17.27 41.83
N ASP B 169 10.97 -17.30 43.14
CA ASP B 169 9.64 -17.58 43.65
C ASP B 169 8.68 -16.41 43.34
N LYS B 170 9.08 -15.16 43.71
CA LYS B 170 8.29 -13.92 43.51
C LYS B 170 8.07 -13.65 42.02
N VAL B 171 9.13 -13.79 41.19
CA VAL B 171 9.08 -13.64 39.74
C VAL B 171 8.69 -15.00 39.16
N LYS B 172 7.39 -15.14 38.85
CA LYS B 172 6.66 -16.31 38.33
C LYS B 172 5.21 -16.08 38.72
N ASP B 173 5.00 -15.57 39.95
CA ASP B 173 3.71 -15.25 40.56
C ASP B 173 3.00 -14.10 39.84
N VAL B 174 3.75 -13.27 39.09
CA VAL B 174 3.29 -12.12 38.33
C VAL B 174 2.42 -12.52 37.11
N TYR B 175 2.84 -13.55 36.34
CA TYR B 175 2.11 -13.99 35.14
C TYR B 175 0.91 -14.86 35.44
N ILE B 176 -0.05 -14.92 34.49
CA ILE B 176 -1.24 -15.78 34.56
C ILE B 176 -0.75 -17.21 34.74
N LYS B 177 -1.19 -17.85 35.84
CA LYS B 177 -0.79 -19.20 36.19
C LYS B 177 -1.91 -19.95 36.86
N LEU B 178 -1.93 -21.26 36.63
CA LEU B 178 -2.90 -22.17 37.22
C LEU B 178 -2.48 -22.39 38.69
N GLU B 179 -3.39 -22.07 39.63
CA GLU B 179 -3.17 -22.21 41.08
C GLU B 179 -3.69 -23.56 41.61
N LYS B 180 -4.88 -24.00 41.14
CA LYS B 180 -5.52 -25.26 41.55
C LYS B 180 -6.55 -25.77 40.53
N GLU B 181 -6.68 -27.10 40.43
CA GLU B 181 -7.63 -27.80 39.54
C GLU B 181 -8.74 -28.35 40.44
N THR B 182 -10.01 -27.99 40.17
CA THR B 182 -11.17 -28.43 40.93
C THR B 182 -12.18 -29.12 40.00
N ASP B 183 -13.29 -29.64 40.57
CA ASP B 183 -14.36 -30.30 39.83
C ASP B 183 -15.14 -29.30 38.96
N ALA B 184 -15.36 -28.07 39.48
CA ALA B 184 -16.07 -26.99 38.80
C ALA B 184 -15.23 -26.31 37.70
N GLY B 185 -13.92 -26.23 37.90
CA GLY B 185 -13.00 -25.62 36.97
C GLY B 185 -11.61 -25.39 37.50
N ILE B 186 -10.95 -24.36 36.99
CA ILE B 186 -9.57 -24.04 37.39
C ILE B 186 -9.47 -22.71 38.15
N ILE B 187 -8.53 -22.61 39.11
CA ILE B 187 -8.28 -21.36 39.85
C ILE B 187 -7.05 -20.72 39.23
N VAL B 188 -7.18 -19.45 38.79
CA VAL B 188 -6.08 -18.72 38.15
C VAL B 188 -5.78 -17.41 38.87
N SER B 189 -4.50 -17.00 38.80
CA SER B 189 -4.02 -15.73 39.33
C SER B 189 -2.96 -15.15 38.42
N GLY B 190 -2.85 -13.83 38.43
CA GLY B 190 -1.88 -13.07 37.63
C GLY B 190 -2.50 -11.82 37.06
N ALA B 191 -1.80 -11.20 36.12
CA ALA B 191 -2.29 -9.98 35.51
C ALA B 191 -1.87 -9.87 34.05
N LYS B 192 -2.60 -9.03 33.31
CA LYS B 192 -2.33 -8.66 31.93
C LYS B 192 -2.47 -7.16 31.83
N VAL B 193 -1.66 -6.52 31.00
CA VAL B 193 -1.70 -5.07 30.85
C VAL B 193 -2.24 -4.71 29.48
N VAL B 194 -2.62 -3.43 29.28
CA VAL B 194 -3.23 -2.91 28.05
C VAL B 194 -4.55 -3.66 27.77
N ALA B 195 -5.44 -3.68 28.76
CA ALA B 195 -6.76 -4.29 28.62
C ALA B 195 -7.70 -3.18 28.12
N THR B 196 -7.47 -2.75 26.86
CA THR B 196 -8.16 -1.65 26.18
C THR B 196 -9.66 -1.85 26.10
N ASN B 197 -10.40 -0.93 26.75
CA ASN B 197 -11.86 -0.91 26.82
C ASN B 197 -12.46 -2.13 27.52
N SER B 198 -11.67 -2.85 28.37
CA SER B 198 -12.15 -4.01 29.15
C SER B 198 -13.29 -3.62 30.09
N ALA B 199 -13.36 -2.33 30.53
CA ALA B 199 -14.42 -1.83 31.41
C ALA B 199 -15.80 -1.98 30.76
N LEU B 200 -15.85 -2.01 29.42
CA LEU B 200 -17.10 -2.07 28.67
C LEU B 200 -17.34 -3.41 28.00
N THR B 201 -16.53 -4.41 28.31
CA THR B 201 -16.67 -5.73 27.65
C THR B 201 -17.39 -6.75 28.52
N HIS B 202 -17.85 -7.84 27.90
CA HIS B 202 -18.52 -8.93 28.60
C HIS B 202 -17.52 -9.95 29.06
N TYR B 203 -16.60 -10.36 28.17
CA TYR B 203 -15.62 -11.39 28.43
C TYR B 203 -14.26 -11.02 27.87
N ASN B 204 -13.22 -11.49 28.53
CA ASN B 204 -11.87 -11.36 28.00
C ASN B 204 -11.31 -12.76 27.72
N MET B 205 -10.61 -12.92 26.60
CA MET B 205 -9.89 -14.15 26.32
C MET B 205 -8.48 -13.91 26.85
N ILE B 206 -7.98 -14.83 27.67
CA ILE B 206 -6.65 -14.76 28.26
C ILE B 206 -5.84 -15.94 27.72
N GLY B 207 -4.65 -15.62 27.21
CA GLY B 207 -3.72 -16.59 26.65
C GLY B 207 -2.28 -16.16 26.81
N PHE B 208 -1.33 -17.10 26.54
CA PHE B 208 0.13 -16.96 26.64
C PHE B 208 0.68 -15.70 25.98
N ASN B 217 7.24 -25.06 32.68
CA ASN B 217 6.13 -25.20 33.60
C ASN B 217 4.77 -25.15 32.86
N PRO B 218 4.02 -26.28 32.82
CA PRO B 218 2.73 -26.28 32.10
C PRO B 218 1.61 -25.44 32.72
N ASP B 219 1.75 -25.05 34.01
CA ASP B 219 0.76 -24.22 34.73
C ASP B 219 0.57 -22.84 34.08
N PHE B 220 1.56 -22.38 33.28
CA PHE B 220 1.55 -21.11 32.56
C PHE B 220 0.97 -21.25 31.14
N ALA B 221 0.88 -22.51 30.61
CA ALA B 221 0.39 -22.82 29.26
C ALA B 221 -1.14 -22.95 29.21
N LEU B 222 -1.85 -21.81 29.32
CA LEU B 222 -3.31 -21.74 29.35
C LEU B 222 -3.93 -20.79 28.33
N MET B 223 -5.16 -21.11 27.93
CA MET B 223 -6.05 -20.27 27.15
C MET B 223 -7.45 -20.50 27.67
N PHE B 224 -8.10 -19.41 28.08
CA PHE B 224 -9.45 -19.48 28.65
C PHE B 224 -10.20 -18.17 28.48
N VAL B 225 -11.50 -18.24 28.71
CA VAL B 225 -12.47 -17.14 28.63
C VAL B 225 -12.80 -16.73 30.06
N ALA B 226 -12.72 -15.43 30.37
CA ALA B 226 -13.06 -14.95 31.71
C ALA B 226 -14.12 -13.87 31.65
N PRO B 227 -15.27 -14.04 32.36
CA PRO B 227 -16.27 -12.95 32.37
C PRO B 227 -15.74 -11.74 33.15
N MET B 228 -16.16 -10.55 32.75
CA MET B 228 -15.76 -9.31 33.41
C MET B 228 -16.30 -9.19 34.85
N ASP B 229 -17.40 -9.90 35.18
CA ASP B 229 -18.01 -9.86 36.51
C ASP B 229 -17.65 -11.05 37.41
N ALA B 230 -16.61 -11.84 37.07
CA ALA B 230 -16.22 -12.98 37.90
C ALA B 230 -15.48 -12.47 39.15
N ASP B 231 -15.71 -13.14 40.29
CA ASP B 231 -15.07 -12.76 41.54
C ASP B 231 -13.56 -12.87 41.42
N GLY B 232 -12.86 -11.79 41.78
CA GLY B 232 -11.40 -11.75 41.69
C GLY B 232 -10.88 -11.08 40.43
N VAL B 233 -11.78 -10.81 39.45
CA VAL B 233 -11.44 -10.09 38.22
C VAL B 233 -11.56 -8.59 38.59
N LYS B 234 -10.49 -7.81 38.40
CA LYS B 234 -10.45 -6.37 38.69
C LYS B 234 -9.72 -5.60 37.60
N LEU B 235 -10.15 -4.36 37.35
CA LEU B 235 -9.50 -3.44 36.43
C LEU B 235 -8.98 -2.23 37.16
N ILE B 236 -7.74 -1.85 36.87
CA ILE B 236 -7.13 -0.64 37.39
C ILE B 236 -6.98 0.23 36.14
N SER B 237 -7.76 1.32 36.07
CA SER B 237 -7.83 2.20 34.91
C SER B 237 -6.72 3.20 34.82
N ARG B 238 -6.45 3.65 33.58
CA ARG B 238 -5.56 4.77 33.33
C ARG B 238 -6.43 6.05 33.46
N ALA B 239 -5.81 7.23 33.36
CA ALA B 239 -6.52 8.52 33.39
C ALA B 239 -7.61 8.54 32.30
N SER B 240 -8.76 9.12 32.63
CA SER B 240 -9.88 9.16 31.69
C SER B 240 -9.94 10.46 30.92
N TYR B 241 -9.73 10.40 29.60
CA TYR B 241 -9.81 11.63 28.80
C TYR B 241 -11.26 12.08 28.66
N GLU B 242 -12.20 11.14 28.75
CA GLU B 242 -13.62 11.45 28.74
C GLU B 242 -13.97 12.30 29.98
N MET B 243 -13.52 11.85 31.17
CA MET B 243 -13.84 12.56 32.41
C MET B 243 -13.21 13.94 32.46
N VAL B 244 -11.94 14.04 32.06
CA VAL B 244 -11.22 15.31 32.04
C VAL B 244 -11.91 16.28 31.06
N ALA B 245 -12.25 15.82 29.84
CA ALA B 245 -12.98 16.62 28.86
C ALA B 245 -14.36 17.07 29.40
N GLY B 246 -15.03 16.22 30.17
CA GLY B 246 -16.32 16.59 30.77
C GLY B 246 -16.19 17.58 31.92
N ALA B 247 -15.20 17.38 32.78
CA ALA B 247 -15.00 18.21 33.96
C ALA B 247 -14.42 19.61 33.67
N THR B 248 -13.51 19.71 32.69
CA THR B 248 -12.79 20.96 32.41
C THR B 248 -12.95 21.46 30.97
N GLY B 249 -13.73 20.74 30.16
CA GLY B 249 -13.94 21.10 28.76
C GLY B 249 -15.40 20.99 28.38
N SER B 250 -15.68 20.69 27.10
CA SER B 250 -17.04 20.52 26.60
C SER B 250 -16.96 19.69 25.30
N PRO B 251 -18.08 19.18 24.76
CA PRO B 251 -18.02 18.47 23.47
C PRO B 251 -17.43 19.38 22.36
N TYR B 252 -17.73 20.70 22.37
CA TYR B 252 -17.17 21.64 21.38
C TYR B 252 -15.62 21.68 21.43
N ASP B 253 -15.09 21.68 22.64
CA ASP B 253 -13.64 21.78 22.89
C ASP B 253 -12.92 20.47 22.69
N TYR B 254 -13.53 19.35 23.09
CA TYR B 254 -12.94 18.00 22.97
C TYR B 254 -13.98 17.05 22.38
N PRO B 255 -14.28 17.19 21.07
CA PRO B 255 -15.37 16.37 20.47
C PRO B 255 -15.13 14.87 20.32
N LEU B 256 -13.86 14.44 20.37
CA LEU B 256 -13.53 13.00 20.26
C LEU B 256 -13.28 12.41 21.65
N SER B 257 -12.48 13.09 22.49
CA SER B 257 -12.18 12.69 23.88
C SER B 257 -13.49 12.46 24.66
N SER B 258 -14.50 13.33 24.42
CA SER B 258 -15.78 13.29 25.17
C SER B 258 -16.69 12.11 24.88
N ARG B 259 -16.45 11.34 23.78
N ARG B 259 -16.45 11.36 23.78
CA ARG B 259 -17.34 10.23 23.44
CA ARG B 259 -17.35 10.25 23.40
C ARG B 259 -16.65 8.92 23.00
C ARG B 259 -16.65 8.94 22.99
N PHE B 260 -15.36 8.98 22.56
CA PHE B 260 -14.68 7.78 22.05
C PHE B 260 -13.48 7.28 22.85
N ASP B 261 -13.33 7.70 24.11
CA ASP B 261 -12.18 7.23 24.90
C ASP B 261 -12.29 5.74 25.29
N GLU B 262 -11.30 4.93 24.93
CA GLU B 262 -11.27 3.49 25.29
C GLU B 262 -10.16 3.31 26.32
N ASN B 263 -10.56 3.19 27.58
CA ASN B 263 -9.60 3.14 28.69
C ASN B 263 -8.67 1.94 28.67
N ASP B 264 -7.34 2.18 28.63
CA ASP B 264 -6.29 1.15 28.61
C ASP B 264 -5.97 0.72 30.06
N ALA B 265 -6.61 -0.34 30.52
CA ALA B 265 -6.49 -0.79 31.90
C ALA B 265 -5.48 -1.90 32.16
N ILE B 266 -5.22 -2.16 33.44
CA ILE B 266 -4.47 -3.31 33.95
C ILE B 266 -5.57 -4.29 34.37
N LEU B 267 -5.54 -5.53 33.84
CA LEU B 267 -6.50 -6.57 34.19
C LEU B 267 -5.86 -7.48 35.24
N VAL B 268 -6.44 -7.53 36.43
CA VAL B 268 -5.97 -8.34 37.55
C VAL B 268 -6.90 -9.54 37.74
N MET B 269 -6.29 -10.70 37.97
CA MET B 269 -7.01 -11.93 38.26
C MET B 269 -6.50 -12.44 39.60
N ASP B 270 -7.34 -12.33 40.62
CA ASP B 270 -6.97 -12.72 41.97
C ASP B 270 -7.81 -13.95 42.38
N ASN B 271 -7.19 -15.16 42.29
CA ASN B 271 -7.80 -16.45 42.63
C ASN B 271 -9.20 -16.60 42.01
N VAL B 272 -9.26 -16.44 40.68
CA VAL B 272 -10.48 -16.51 39.87
C VAL B 272 -10.81 -17.96 39.48
N LEU B 273 -12.06 -18.36 39.68
CA LEU B 273 -12.52 -19.68 39.28
C LEU B 273 -13.02 -19.60 37.84
N ILE B 274 -12.39 -20.37 36.95
CA ILE B 274 -12.73 -20.44 35.52
C ILE B 274 -13.44 -21.80 35.32
N PRO B 275 -14.75 -21.83 35.00
CA PRO B 275 -15.40 -23.15 34.81
C PRO B 275 -14.83 -23.89 33.61
N TRP B 276 -14.86 -25.24 33.66
CA TRP B 276 -14.32 -26.09 32.58
C TRP B 276 -14.88 -25.77 31.18
N GLU B 277 -16.11 -25.24 31.12
CA GLU B 277 -16.81 -24.81 29.90
C GLU B 277 -16.11 -23.61 29.22
N ASN B 278 -15.25 -22.88 29.97
CA ASN B 278 -14.52 -21.70 29.52
C ASN B 278 -13.05 -21.94 29.21
N VAL B 279 -12.58 -23.18 29.42
CA VAL B 279 -11.18 -23.55 29.15
C VAL B 279 -11.02 -23.93 27.66
N LEU B 280 -9.98 -23.44 26.99
CA LEU B 280 -9.74 -23.78 25.58
C LEU B 280 -8.43 -24.54 25.37
N ILE B 281 -7.36 -24.19 26.12
CA ILE B 281 -6.05 -24.85 26.09
C ILE B 281 -5.66 -25.03 27.57
N TYR B 282 -5.33 -26.26 27.97
CA TYR B 282 -5.00 -26.55 29.36
C TYR B 282 -3.68 -27.29 29.56
N ARG B 283 -2.69 -26.62 30.22
CA ARG B 283 -1.36 -27.15 30.55
C ARG B 283 -0.70 -27.78 29.31
N ASP B 284 -0.76 -27.07 28.18
CA ASP B 284 -0.32 -27.55 26.88
C ASP B 284 0.55 -26.53 26.14
N PHE B 285 1.88 -26.68 26.28
CA PHE B 285 2.88 -25.80 25.66
C PHE B 285 2.89 -25.94 24.13
N ASP B 286 2.60 -27.15 23.62
CA ASP B 286 2.54 -27.46 22.19
C ASP B 286 1.42 -26.67 21.50
N ARG B 287 0.19 -26.70 22.06
CA ARG B 287 -0.96 -25.97 21.52
C ARG B 287 -0.83 -24.45 21.64
N CYS B 288 -0.20 -23.95 22.74
CA CYS B 288 0.02 -22.52 22.98
C CYS B 288 0.97 -21.94 21.92
N ARG B 289 2.09 -22.66 21.63
CA ARG B 289 3.10 -22.29 20.65
C ARG B 289 2.53 -22.32 19.22
N ARG B 290 1.67 -23.32 18.93
CA ARG B 290 1.04 -23.52 17.61
C ARG B 290 -0.15 -22.57 17.33
N TRP B 291 -0.79 -22.01 18.39
CA TRP B 291 -2.00 -21.19 18.26
C TRP B 291 -1.86 -19.92 17.39
N THR B 292 -0.74 -19.17 17.49
CA THR B 292 -0.56 -17.98 16.65
C THR B 292 -0.64 -18.33 15.15
N MET B 293 0.04 -19.43 14.75
CA MET B 293 0.07 -19.91 13.36
C MET B 293 -1.16 -20.70 12.91
N GLU B 294 -1.72 -21.55 13.80
CA GLU B 294 -2.81 -22.47 13.46
C GLU B 294 -4.23 -22.09 13.95
N GLY B 295 -4.31 -21.30 15.04
CA GLY B 295 -5.56 -20.85 15.63
C GLY B 295 -6.50 -20.10 14.69
N GLY B 296 -5.94 -19.26 13.81
CA GLY B 296 -6.71 -18.49 12.84
C GLY B 296 -6.90 -17.02 13.17
N PHE B 297 -7.04 -16.68 14.48
CA PHE B 297 -7.29 -15.31 14.93
C PHE B 297 -6.26 -14.29 14.42
N ALA B 298 -4.94 -14.61 14.56
CA ALA B 298 -3.86 -13.74 14.10
C ALA B 298 -3.92 -13.54 12.56
N ARG B 299 -4.52 -14.51 11.85
CA ARG B 299 -4.70 -14.52 10.40
C ARG B 299 -6.04 -13.86 10.00
N MET B 300 -6.78 -13.29 10.98
CA MET B 300 -8.11 -12.71 10.74
C MET B 300 -8.29 -11.27 11.24
N TYR B 301 -7.95 -10.99 12.52
CA TYR B 301 -8.15 -9.68 13.14
C TYR B 301 -7.52 -8.48 12.36
N PRO B 302 -6.32 -8.59 11.69
CA PRO B 302 -5.77 -7.39 11.02
C PRO B 302 -6.66 -6.86 9.88
N LEU B 303 -7.63 -7.66 9.40
CA LEU B 303 -8.59 -7.18 8.41
C LEU B 303 -9.44 -6.08 9.09
N GLN B 304 -9.92 -6.35 10.32
CA GLN B 304 -10.70 -5.38 11.09
C GLN B 304 -9.85 -4.12 11.36
N ALA B 305 -8.60 -4.29 11.84
CA ALA B 305 -7.72 -3.18 12.19
C ALA B 305 -7.36 -2.29 11.01
N CYS B 306 -7.12 -2.90 9.82
CA CYS B 306 -6.79 -2.15 8.61
C CYS B 306 -7.97 -1.29 8.14
N VAL B 307 -9.17 -1.89 8.14
CA VAL B 307 -10.41 -1.17 7.78
C VAL B 307 -10.66 0.01 8.76
N ARG B 308 -10.53 -0.27 10.06
CA ARG B 308 -10.74 0.72 11.12
C ARG B 308 -9.79 1.92 10.89
N LEU B 309 -8.49 1.63 10.65
CA LEU B 309 -7.53 2.70 10.37
C LEU B 309 -7.90 3.45 9.07
N ALA B 310 -8.30 2.71 8.01
CA ALA B 310 -8.66 3.34 6.73
C ALA B 310 -9.83 4.33 6.92
N VAL B 311 -10.80 4.00 7.78
CA VAL B 311 -11.93 4.89 8.10
C VAL B 311 -11.40 6.11 8.88
N LYS B 312 -10.51 5.89 9.86
CA LYS B 312 -9.93 7.01 10.59
C LYS B 312 -9.16 7.94 9.62
N LEU B 313 -8.46 7.36 8.60
CA LEU B 313 -7.70 8.16 7.62
C LEU B 313 -8.63 8.91 6.64
N ASP B 314 -9.82 8.35 6.32
CA ASP B 314 -10.84 9.10 5.56
C ASP B 314 -11.18 10.40 6.35
N PHE B 315 -11.40 10.26 7.65
CA PHE B 315 -11.74 11.34 8.57
C PHE B 315 -10.61 12.36 8.66
N ILE B 316 -9.40 11.91 8.98
CA ILE B 316 -8.23 12.80 9.13
C ILE B 316 -7.92 13.57 7.83
N THR B 317 -8.00 12.88 6.68
CA THR B 317 -7.72 13.49 5.36
C THR B 317 -8.65 14.69 5.11
N ALA B 318 -9.97 14.48 5.24
CA ALA B 318 -10.93 15.57 5.01
C ALA B 318 -10.82 16.64 6.10
N LEU B 319 -10.54 16.23 7.34
CA LEU B 319 -10.40 17.18 8.45
C LEU B 319 -9.16 18.10 8.22
N LEU B 320 -8.08 17.52 7.68
CA LEU B 320 -6.87 18.29 7.31
C LEU B 320 -7.24 19.28 6.18
N LYS B 321 -7.97 18.82 5.17
CA LYS B 321 -8.39 19.72 4.09
C LYS B 321 -9.23 20.89 4.64
N LYS B 322 -10.22 20.59 5.51
CA LYS B 322 -11.08 21.62 6.15
C LYS B 322 -10.24 22.60 6.96
N SER B 323 -9.27 22.09 7.74
CA SER B 323 -8.37 22.93 8.56
C SER B 323 -7.53 23.88 7.68
N LEU B 324 -7.03 23.38 6.52
CA LEU B 324 -6.21 24.17 5.59
C LEU B 324 -7.03 25.21 4.81
N GLU B 325 -8.34 24.94 4.60
CA GLU B 325 -9.27 25.89 3.97
C GLU B 325 -9.43 27.09 4.94
N CYS B 326 -9.53 26.80 6.26
CA CYS B 326 -9.64 27.78 7.33
C CYS B 326 -8.39 28.65 7.49
N THR B 327 -7.19 28.04 7.43
CA THR B 327 -5.93 28.77 7.55
C THR B 327 -5.61 29.55 6.24
N GLY B 328 -6.19 29.10 5.12
CA GLY B 328 -5.95 29.68 3.80
C GLY B 328 -4.66 29.27 3.14
N THR B 329 -3.89 28.37 3.77
CA THR B 329 -2.60 27.91 3.22
C THR B 329 -2.79 26.88 2.10
N LEU B 330 -4.01 26.35 1.93
CA LEU B 330 -4.32 25.37 0.89
C LEU B 330 -4.08 25.93 -0.53
N GLU B 331 -3.84 27.26 -0.64
CA GLU B 331 -3.50 27.93 -1.90
C GLU B 331 -2.05 27.65 -2.30
N PHE B 332 -1.18 27.30 -1.34
CA PHE B 332 0.24 27.02 -1.58
C PHE B 332 0.44 25.61 -2.14
N ARG B 333 1.32 25.50 -3.16
CA ARG B 333 1.69 24.28 -3.85
C ARG B 333 2.25 23.20 -2.88
N GLY B 334 3.18 23.59 -2.00
CA GLY B 334 3.79 22.70 -1.03
C GLY B 334 2.79 22.15 -0.01
N VAL B 335 1.75 22.95 0.31
CA VAL B 335 0.70 22.56 1.26
C VAL B 335 -0.22 21.54 0.57
N GLN B 336 -0.62 21.81 -0.67
CA GLN B 336 -1.43 20.89 -1.47
C GLN B 336 -0.70 19.54 -1.67
N ALA B 337 0.64 19.57 -1.85
CA ALA B 337 1.46 18.37 -2.02
C ALA B 337 1.47 17.56 -0.72
N ASP B 338 1.59 18.24 0.45
CA ASP B 338 1.55 17.58 1.76
C ASP B 338 0.17 16.91 1.99
N LEU B 339 -0.93 17.59 1.63
CA LEU B 339 -2.27 17.02 1.72
C LEU B 339 -2.40 15.80 0.76
N GLY B 340 -1.86 15.94 -0.46
CA GLY B 340 -1.83 14.86 -1.46
C GLY B 340 -1.16 13.61 -0.94
N GLU B 341 -0.07 13.76 -0.15
CA GLU B 341 0.57 12.59 0.46
C GLU B 341 -0.33 11.89 1.50
N VAL B 342 -1.04 12.68 2.34
CA VAL B 342 -2.00 12.13 3.31
C VAL B 342 -3.07 11.32 2.54
N VAL B 343 -3.55 11.86 1.41
CA VAL B 343 -4.52 11.17 0.54
C VAL B 343 -3.93 9.82 0.09
N ALA B 344 -2.64 9.80 -0.35
CA ALA B 344 -1.98 8.58 -0.82
C ALA B 344 -1.95 7.50 0.29
N TRP B 345 -1.61 7.89 1.54
CA TRP B 345 -1.61 6.97 2.68
C TRP B 345 -3.01 6.43 2.99
N ARG B 346 -4.01 7.32 2.98
CA ARG B 346 -5.42 6.96 3.18
C ARG B 346 -5.80 5.88 2.11
N ASN B 347 -5.45 6.12 0.83
CA ASN B 347 -5.73 5.21 -0.30
C ASN B 347 -5.06 3.83 -0.13
N THR B 348 -3.84 3.82 0.41
CA THR B 348 -3.05 2.60 0.63
C THR B 348 -3.79 1.58 1.50
N PHE B 349 -4.30 2.01 2.68
CA PHE B 349 -4.96 1.12 3.62
C PHE B 349 -6.27 0.56 3.04
N TRP B 350 -6.99 1.34 2.24
CA TRP B 350 -8.17 0.80 1.55
C TRP B 350 -7.76 -0.27 0.49
N ALA B 351 -6.68 -0.01 -0.28
CA ALA B 351 -6.16 -0.93 -1.31
C ALA B 351 -5.67 -2.24 -0.66
N LEU B 352 -5.00 -2.15 0.51
CA LEU B 352 -4.58 -3.33 1.27
C LEU B 352 -5.79 -4.18 1.68
N SER B 353 -6.88 -3.52 2.15
CA SER B 353 -8.11 -4.25 2.56
C SER B 353 -8.78 -4.92 1.35
N ASP B 354 -8.70 -4.28 0.14
CA ASP B 354 -9.21 -4.89 -1.11
C ASP B 354 -8.44 -6.18 -1.43
N SER B 355 -7.10 -6.14 -1.34
CA SER B 355 -6.21 -7.26 -1.62
C SER B 355 -6.43 -8.40 -0.60
N MET B 356 -6.59 -8.04 0.71
CA MET B 356 -6.90 -9.01 1.77
C MET B 356 -8.09 -9.90 1.37
N CYS B 357 -9.13 -9.31 0.75
CA CYS B 357 -10.32 -10.03 0.33
C CYS B 357 -10.19 -10.75 -1.02
N SER B 358 -9.73 -10.05 -2.07
CA SER B 358 -9.63 -10.64 -3.43
C SER B 358 -8.66 -11.81 -3.50
N GLU B 359 -7.58 -11.78 -2.69
CA GLU B 359 -6.55 -12.81 -2.64
C GLU B 359 -6.75 -13.83 -1.49
N ALA B 360 -7.96 -13.86 -0.91
CA ALA B 360 -8.31 -14.79 0.17
C ALA B 360 -8.10 -16.25 -0.27
N THR B 361 -7.67 -17.12 0.66
CA THR B 361 -7.43 -18.53 0.34
C THR B 361 -8.31 -19.47 1.20
N PRO B 362 -8.68 -20.68 0.69
CA PRO B 362 -9.43 -21.64 1.55
C PRO B 362 -8.54 -22.13 2.70
N TRP B 363 -9.13 -22.35 3.87
CA TRP B 363 -8.43 -22.80 5.08
C TRP B 363 -8.90 -24.23 5.44
N VAL B 364 -9.75 -24.39 6.44
CA VAL B 364 -10.29 -25.69 6.88
C VAL B 364 -11.80 -25.56 6.97
N ASN B 365 -12.52 -26.69 6.76
CA ASN B 365 -13.97 -26.79 6.90
C ASN B 365 -14.76 -25.75 6.06
N GLY B 366 -14.23 -25.42 4.88
CA GLY B 366 -14.84 -24.45 3.98
C GLY B 366 -14.54 -23.00 4.29
N ALA B 367 -13.87 -22.72 5.43
CA ALA B 367 -13.53 -21.34 5.84
C ALA B 367 -12.50 -20.71 4.92
N TYR B 368 -12.54 -19.37 4.76
CA TYR B 368 -11.56 -18.59 3.99
C TYR B 368 -10.83 -17.65 4.92
N LEU B 369 -9.54 -17.41 4.62
CA LEU B 369 -8.70 -16.48 5.36
C LEU B 369 -8.26 -15.34 4.45
N PRO B 370 -8.23 -14.08 4.95
CA PRO B 370 -7.74 -12.98 4.09
C PRO B 370 -6.27 -13.20 3.69
N ASP B 371 -5.81 -12.54 2.61
CA ASP B 371 -4.41 -12.64 2.17
C ASP B 371 -3.48 -12.28 3.34
N HIS B 372 -2.64 -13.25 3.75
CA HIS B 372 -1.71 -13.12 4.89
C HIS B 372 -0.63 -12.04 4.66
N ALA B 373 -0.06 -11.96 3.44
CA ALA B 373 0.95 -10.94 3.11
C ALA B 373 0.38 -9.53 3.34
N ALA B 374 -0.88 -9.27 2.87
CA ALA B 374 -1.53 -7.96 3.06
C ALA B 374 -1.76 -7.61 4.55
N LEU B 375 -2.06 -8.61 5.43
CA LEU B 375 -2.20 -8.37 6.88
C LEU B 375 -0.88 -7.91 7.50
N GLN B 376 0.21 -8.60 7.14
CA GLN B 376 1.56 -8.26 7.66
C GLN B 376 2.01 -6.89 7.16
N THR B 377 1.65 -6.54 5.92
CA THR B 377 2.00 -5.27 5.28
C THR B 377 1.31 -4.14 5.99
N TYR B 378 0.00 -4.30 6.27
CA TYR B 378 -0.75 -3.29 7.03
C TYR B 378 -0.03 -3.02 8.39
N ARG B 379 0.38 -4.09 9.10
CA ARG B 379 1.05 -3.95 10.41
C ARG B 379 2.36 -3.17 10.36
N VAL B 380 3.13 -3.35 9.28
CA VAL B 380 4.42 -2.65 9.12
C VAL B 380 4.20 -1.19 8.70
N LEU B 381 3.33 -0.96 7.70
CA LEU B 381 3.10 0.40 7.18
C LEU B 381 2.37 1.36 8.12
N ALA B 382 1.35 0.87 8.86
CA ALA B 382 0.48 1.73 9.69
C ALA B 382 1.25 2.62 10.69
N PRO B 383 2.24 2.11 11.50
CA PRO B 383 2.96 3.02 12.42
C PRO B 383 3.72 4.15 11.69
N MET B 384 4.36 3.82 10.53
N MET B 384 4.34 3.79 10.54
CA MET B 384 5.10 4.81 9.73
CA MET B 384 5.09 4.69 9.65
C MET B 384 4.16 5.83 9.11
C MET B 384 4.18 5.78 9.11
N ALA B 385 3.06 5.38 8.50
CA ALA B 385 2.07 6.26 7.90
C ALA B 385 1.44 7.19 8.93
N TYR B 386 1.03 6.65 10.08
CA TYR B 386 0.37 7.45 11.13
C TYR B 386 1.29 8.54 11.68
N ALA B 387 2.54 8.17 12.04
CA ALA B 387 3.53 9.15 12.54
C ALA B 387 3.80 10.24 11.48
N LYS B 388 3.89 9.85 10.18
CA LYS B 388 4.14 10.80 9.09
C LYS B 388 2.96 11.75 8.86
N ILE B 389 1.72 11.20 8.87
CA ILE B 389 0.52 12.01 8.69
C ILE B 389 0.43 13.03 9.86
N LYS B 390 0.69 12.61 11.10
CA LYS B 390 0.66 13.53 12.24
C LYS B 390 1.69 14.66 12.06
N ASN B 391 2.91 14.32 11.62
N ASN B 391 2.92 14.32 11.63
CA ASN B 391 3.95 15.33 11.37
CA ASN B 391 3.97 15.33 11.36
C ASN B 391 3.52 16.31 10.26
C ASN B 391 3.56 16.30 10.24
N ILE B 392 2.90 15.80 9.17
CA ILE B 392 2.39 16.63 8.07
C ILE B 392 1.38 17.65 8.63
N ILE B 393 0.41 17.19 9.46
CA ILE B 393 -0.60 18.08 10.04
C ILE B 393 0.08 19.17 10.91
N GLU B 394 0.97 18.75 11.83
N GLU B 394 0.97 18.75 11.83
CA GLU B 394 1.65 19.66 12.75
CA GLU B 394 1.66 19.65 12.77
C GLU B 394 2.43 20.75 12.01
C GLU B 394 2.50 20.72 12.07
N ARG B 395 3.15 20.39 10.93
CA ARG B 395 3.97 21.38 10.20
C ARG B 395 3.14 22.22 9.20
N ASN B 396 1.88 21.84 8.92
CA ASN B 396 1.07 22.61 7.99
C ASN B 396 0.07 23.51 8.68
N VAL B 397 -0.43 23.16 9.87
CA VAL B 397 -1.27 24.09 10.61
C VAL B 397 -0.29 24.79 11.59
N THR B 398 0.62 25.62 11.03
CA THR B 398 1.76 26.29 11.68
C THR B 398 1.44 27.15 12.91
N SER B 399 0.25 27.76 12.94
CA SER B 399 -0.14 28.66 14.03
C SER B 399 -1.54 28.37 14.59
N GLY B 400 -2.46 28.02 13.71
CA GLY B 400 -3.88 27.80 13.96
C GLY B 400 -4.30 26.92 15.13
N LEU B 401 -3.49 25.94 15.51
CA LEU B 401 -3.85 25.02 16.60
C LEU B 401 -3.42 25.47 18.00
N ILE B 402 -2.26 26.12 18.11
CA ILE B 402 -1.61 26.45 19.38
C ILE B 402 -2.33 27.56 20.21
N TYR B 403 -3.03 28.53 19.55
CA TYR B 403 -3.62 29.64 20.31
C TYR B 403 -5.16 29.61 20.42
N LEU B 404 -5.80 28.52 19.98
CA LEU B 404 -7.27 28.38 20.01
C LEU B 404 -7.86 28.88 21.33
N PRO B 405 -8.92 29.71 21.34
CA PRO B 405 -9.52 30.14 22.64
C PRO B 405 -9.83 28.93 23.49
N SER B 406 -9.68 29.08 24.79
CA SER B 406 -9.81 28.03 25.77
C SER B 406 -11.07 27.19 25.74
N SER B 407 -12.22 27.81 25.45
CA SER B 407 -13.49 27.14 25.73
C SER B 407 -14.66 27.64 24.91
N ALA B 408 -15.74 26.81 24.82
CA ALA B 408 -17.02 27.25 24.24
C ALA B 408 -17.55 28.38 25.15
N ARG B 409 -17.13 28.42 26.45
CA ARG B 409 -17.48 29.51 27.37
C ARG B 409 -17.04 30.87 26.84
N ASP B 410 -15.90 30.94 26.12
CA ASP B 410 -15.39 32.16 25.48
C ASP B 410 -16.34 32.64 24.37
N LEU B 411 -16.91 31.70 23.60
CA LEU B 411 -17.87 32.03 22.54
C LEU B 411 -19.19 32.44 23.12
N ASN B 412 -19.53 31.92 24.31
CA ASN B 412 -20.80 32.21 24.97
C ASN B 412 -20.72 33.48 25.84
N ASN B 413 -19.54 34.14 25.93
CA ASN B 413 -19.39 35.40 26.65
C ASN B 413 -19.27 36.47 25.55
N PRO B 414 -20.28 37.36 25.37
CA PRO B 414 -20.22 38.37 24.30
C PRO B 414 -19.02 39.31 24.34
N GLN B 415 -18.51 39.62 25.55
CA GLN B 415 -17.35 40.48 25.68
C GLN B 415 -16.10 39.87 25.01
N ILE B 416 -15.92 38.55 25.15
CA ILE B 416 -14.80 37.83 24.50
C ILE B 416 -15.16 37.53 23.03
N ASP B 417 -16.38 37.03 22.81
CA ASP B 417 -16.87 36.61 21.50
C ASP B 417 -16.76 37.67 20.42
N GLN B 418 -16.99 38.94 20.77
CA GLN B 418 -16.92 40.05 19.84
C GLN B 418 -15.52 40.21 19.23
N TYR B 419 -14.46 39.93 19.99
CA TYR B 419 -13.09 39.98 19.48
C TYR B 419 -12.76 38.75 18.62
N LEU B 420 -13.27 37.55 19.00
CA LEU B 420 -13.09 36.29 18.23
C LEU B 420 -13.78 36.41 16.86
N ALA B 421 -14.98 37.04 16.82
CA ALA B 421 -15.76 37.28 15.59
C ALA B 421 -14.96 38.16 14.60
N LYS B 422 -14.15 39.10 15.13
CA LYS B 422 -13.34 39.98 14.30
C LYS B 422 -11.99 39.39 13.90
N TYR B 423 -11.25 38.80 14.85
CA TYR B 423 -9.88 38.36 14.63
C TYR B 423 -9.65 36.90 14.35
N VAL B 424 -10.65 36.03 14.53
CA VAL B 424 -10.44 34.59 14.35
C VAL B 424 -11.40 33.99 13.30
N ARG B 425 -11.61 34.71 12.21
CA ARG B 425 -12.46 34.21 11.11
C ARG B 425 -11.69 33.19 10.24
N GLY B 426 -12.44 32.37 9.51
CA GLY B 426 -11.88 31.43 8.55
C GLY B 426 -11.48 32.18 7.29
N SER B 427 -10.34 31.81 6.70
CA SER B 427 -9.81 32.45 5.49
C SER B 427 -10.72 32.25 4.26
N ASN B 428 -11.43 31.12 4.24
CA ASN B 428 -12.37 30.68 3.19
C ASN B 428 -13.79 31.24 3.38
N GLY B 429 -13.97 32.16 4.33
CA GLY B 429 -15.27 32.76 4.59
C GLY B 429 -16.08 32.20 5.74
N MET B 430 -15.54 31.19 6.47
CA MET B 430 -16.24 30.61 7.61
C MET B 430 -16.30 31.61 8.76
N ASP B 431 -17.38 31.59 9.55
CA ASP B 431 -17.43 32.44 10.74
C ASP B 431 -16.45 31.87 11.80
N HIS B 432 -16.13 32.65 12.84
CA HIS B 432 -15.19 32.24 13.88
C HIS B 432 -15.64 30.96 14.60
N VAL B 433 -16.97 30.78 14.83
CA VAL B 433 -17.51 29.61 15.53
C VAL B 433 -17.11 28.32 14.79
N GLN B 434 -17.32 28.30 13.46
CA GLN B 434 -17.00 27.17 12.61
C GLN B 434 -15.48 26.96 12.47
N ARG B 435 -14.70 28.05 12.34
CA ARG B 435 -13.24 27.96 12.22
C ARG B 435 -12.65 27.31 13.48
N ILE B 436 -13.02 27.82 14.67
CA ILE B 436 -12.52 27.30 15.95
C ILE B 436 -12.98 25.84 16.14
N LYS B 437 -14.22 25.54 15.78
CA LYS B 437 -14.79 24.20 15.91
C LYS B 437 -13.97 23.18 15.13
N ILE B 438 -13.67 23.46 13.84
CA ILE B 438 -12.88 22.58 12.96
C ILE B 438 -11.47 22.38 13.54
N LEU B 439 -10.82 23.48 13.95
CA LEU B 439 -9.46 23.39 14.48
C LEU B 439 -9.38 22.68 15.82
N LYS B 440 -10.44 22.82 16.68
CA LYS B 440 -10.51 22.09 17.95
C LYS B 440 -10.71 20.59 17.67
N LEU B 441 -11.49 20.26 16.64
CA LEU B 441 -11.69 18.87 16.23
C LEU B 441 -10.33 18.27 15.77
N MET B 442 -9.55 19.04 14.97
CA MET B 442 -8.23 18.61 14.53
C MET B 442 -7.29 18.43 15.72
N TRP B 443 -7.30 19.39 16.67
CA TRP B 443 -6.44 19.30 17.85
C TRP B 443 -6.78 18.08 18.72
N ASP B 444 -8.08 17.78 18.89
CA ASP B 444 -8.45 16.61 19.68
C ASP B 444 -7.99 15.30 19.00
N ALA B 445 -7.92 15.29 17.66
CA ALA B 445 -7.47 14.15 16.90
C ALA B 445 -5.96 13.90 17.03
N ILE B 446 -5.15 14.96 17.27
CA ILE B 446 -3.69 14.81 17.25
C ILE B 446 -2.92 15.29 18.49
N GLY B 447 -3.34 16.37 19.12
CA GLY B 447 -2.57 16.99 20.21
C GLY B 447 -3.10 16.89 21.63
N SER B 448 -4.41 16.66 21.79
CA SER B 448 -4.98 16.43 23.12
C SER B 448 -4.32 15.14 23.71
N GLU B 449 -4.53 14.86 25.00
CA GLU B 449 -3.97 13.65 25.60
C GLU B 449 -4.54 12.39 24.88
N PHE B 450 -5.80 12.44 24.47
CA PHE B 450 -6.49 11.41 23.68
C PHE B 450 -5.74 11.23 22.32
N GLY B 451 -5.41 12.35 21.64
CA GLY B 451 -4.68 12.37 20.37
C GLY B 451 -3.29 11.77 20.51
N GLY B 452 -2.61 12.11 21.60
CA GLY B 452 -1.28 11.58 21.96
C GLY B 452 -1.35 10.07 22.23
N ARG B 453 -2.38 9.63 22.99
CA ARG B 453 -2.60 8.21 23.27
C ARG B 453 -2.87 7.43 21.98
N HIS B 454 -3.68 8.02 21.07
CA HIS B 454 -3.96 7.40 19.77
C HIS B 454 -2.72 7.22 18.91
N GLU B 455 -1.78 8.16 18.97
CA GLU B 455 -0.54 8.00 18.24
C GLU B 455 0.28 6.82 18.81
N LEU B 456 0.41 6.77 20.14
CA LEU B 456 1.10 5.68 20.84
C LEU B 456 0.43 4.32 20.50
N TYR B 457 -0.92 4.31 20.44
CA TYR B 457 -1.69 3.12 20.11
C TYR B 457 -1.41 2.65 18.67
N GLU B 458 -1.51 3.55 17.66
CA GLU B 458 -1.26 3.19 16.25
C GLU B 458 0.19 2.74 16.01
N ILE B 459 1.13 3.37 16.69
CA ILE B 459 2.54 2.99 16.51
C ILE B 459 2.85 1.59 17.08
N ASN B 460 2.35 1.31 18.29
CA ASN B 460 2.70 0.11 19.06
C ASN B 460 1.69 -1.01 19.02
N TYR B 461 0.61 -0.78 18.23
N TYR B 461 0.57 -0.77 18.32
CA TYR B 461 -0.57 -1.61 17.96
CA TYR B 461 -0.59 -1.63 18.15
C TYR B 461 -0.35 -3.11 18.10
C TYR B 461 -0.31 -3.15 18.17
N SER B 462 0.41 -3.67 17.18
CA SER B 462 0.64 -5.09 17.09
C SER B 462 2.08 -5.51 17.44
N GLY B 463 2.79 -4.66 18.17
CA GLY B 463 4.14 -4.97 18.64
C GLY B 463 5.20 -3.94 18.32
N SER B 464 6.44 -4.23 18.74
CA SER B 464 7.58 -3.36 18.46
C SER B 464 7.84 -3.27 16.93
N GLN B 465 8.57 -2.23 16.52
CA GLN B 465 8.92 -2.00 15.11
C GLN B 465 9.72 -3.17 14.52
N ASP B 466 10.67 -3.74 15.31
CA ASP B 466 11.41 -4.91 14.85
C ASP B 466 10.54 -6.16 14.77
N GLU B 467 9.69 -6.38 15.78
CA GLU B 467 8.79 -7.53 15.81
C GLU B 467 7.83 -7.60 14.62
N ILE B 468 7.16 -6.48 14.27
CA ILE B 468 6.21 -6.46 13.14
C ILE B 468 6.93 -6.75 11.80
N ARG B 469 8.18 -6.23 11.65
CA ARG B 469 8.99 -6.45 10.45
C ARG B 469 9.46 -7.91 10.36
N LEU B 470 9.86 -8.49 11.51
CA LEU B 470 10.26 -9.90 11.59
C LEU B 470 9.12 -10.83 11.20
N GLN B 471 7.88 -10.51 11.65
CA GLN B 471 6.71 -11.32 11.34
C GLN B 471 6.32 -11.22 9.86
N CYS B 472 6.63 -10.07 9.23
CA CYS B 472 6.39 -9.85 7.81
C CYS B 472 7.39 -10.73 7.02
N LEU B 473 8.67 -10.77 7.45
CA LEU B 473 9.67 -11.63 6.84
C LEU B 473 9.30 -13.12 7.02
N ARG B 474 8.94 -13.52 8.26
CA ARG B 474 8.55 -14.91 8.54
C ARG B 474 7.38 -15.36 7.68
N GLN B 475 6.40 -14.48 7.44
CA GLN B 475 5.25 -14.82 6.57
C GLN B 475 5.73 -15.08 5.13
N ALA B 476 6.64 -14.23 4.58
CA ALA B 476 7.16 -14.44 3.22
C ALA B 476 7.88 -15.81 3.11
N GLN B 477 8.62 -16.18 4.16
CA GLN B 477 9.35 -17.46 4.23
C GLN B 477 8.40 -18.66 4.38
N ASN B 478 7.48 -18.60 5.37
CA ASN B 478 6.55 -19.72 5.66
C ASN B 478 5.55 -19.99 4.55
N SER B 479 5.12 -18.95 3.82
CA SER B 479 4.12 -19.09 2.75
C SER B 479 4.69 -19.67 1.46
N GLY B 480 6.02 -19.66 1.31
CA GLY B 480 6.65 -20.04 0.05
C GLY B 480 6.91 -18.84 -0.85
N ASN B 481 6.46 -17.61 -0.45
CA ASN B 481 6.69 -16.39 -1.24
C ASN B 481 8.17 -16.13 -1.47
N MET B 482 9.00 -16.25 -0.40
CA MET B 482 10.46 -16.02 -0.51
C MET B 482 11.11 -17.04 -1.47
N ASP B 483 10.68 -18.32 -1.41
CA ASP B 483 11.19 -19.36 -2.30
C ASP B 483 10.93 -19.03 -3.77
N LYS B 484 9.76 -18.46 -4.07
CA LYS B 484 9.39 -18.09 -5.43
C LYS B 484 10.18 -16.86 -5.90
N MET B 485 10.40 -15.86 -5.02
CA MET B 485 11.21 -14.69 -5.36
C MET B 485 12.65 -15.16 -5.61
N MET B 486 13.15 -16.09 -4.75
CA MET B 486 14.48 -16.69 -4.84
C MET B 486 14.66 -17.47 -6.15
N ALA B 487 13.61 -18.16 -6.61
CA ALA B 487 13.66 -18.90 -7.88
C ALA B 487 13.95 -17.94 -9.05
N MET B 488 13.39 -16.71 -9.01
CA MET B 488 13.63 -15.70 -10.03
C MET B 488 15.10 -15.23 -10.02
N VAL B 489 15.66 -14.98 -8.81
CA VAL B 489 17.06 -14.57 -8.65
C VAL B 489 17.99 -15.71 -9.10
N ASP B 490 17.66 -16.97 -8.70
CA ASP B 490 18.45 -18.13 -9.12
C ASP B 490 18.47 -18.30 -10.64
N ARG B 491 17.35 -17.97 -11.31
CA ARG B 491 17.29 -18.04 -12.77
C ARG B 491 18.19 -16.97 -13.39
N CYS B 492 18.16 -15.74 -12.85
CA CYS B 492 19.02 -14.66 -13.32
C CYS B 492 20.49 -15.11 -13.25
N LEU B 493 20.92 -15.61 -12.06
CA LEU B 493 22.27 -16.13 -11.81
C LEU B 493 22.69 -17.29 -12.74
N SER B 494 21.75 -18.16 -13.12
CA SER B 494 22.07 -19.30 -13.99
C SER B 494 22.34 -18.88 -15.44
N GLU B 495 22.02 -17.63 -15.81
CA GLU B 495 22.13 -17.17 -17.20
C GLU B 495 23.52 -16.67 -17.59
N TYR B 496 24.48 -16.75 -16.67
CA TYR B 496 25.86 -16.36 -16.93
C TYR B 496 26.77 -17.01 -15.90
N ASP B 497 28.07 -16.97 -16.15
CA ASP B 497 29.09 -17.46 -15.24
C ASP B 497 30.36 -16.63 -15.45
N GLN B 498 31.47 -17.01 -14.79
CA GLN B 498 32.75 -16.29 -14.89
C GLN B 498 33.35 -16.29 -16.31
N ASP B 499 32.82 -17.13 -17.21
CA ASP B 499 33.29 -17.19 -18.60
C ASP B 499 32.38 -16.43 -19.59
N GLY B 500 31.19 -16.00 -19.17
CA GLY B 500 30.27 -15.26 -20.02
C GLY B 500 28.84 -15.73 -19.89
N TRP B 501 28.00 -15.44 -20.90
CA TRP B 501 26.59 -15.83 -20.93
C TRP B 501 26.47 -17.34 -21.06
N THR B 502 25.42 -17.93 -20.48
CA THR B 502 25.18 -19.38 -20.65
C THR B 502 23.92 -19.53 -21.50
N VAL B 503 23.34 -18.39 -21.91
CA VAL B 503 22.12 -18.32 -22.75
C VAL B 503 22.51 -17.89 -24.17
N PRO B 504 21.91 -18.49 -25.23
CA PRO B 504 22.38 -18.18 -26.60
C PRO B 504 21.93 -16.86 -27.23
N HIS B 505 20.94 -16.16 -26.65
CA HIS B 505 20.43 -14.96 -27.30
C HIS B 505 21.29 -13.70 -27.07
N LEU B 506 22.23 -13.75 -26.11
CA LEU B 506 23.05 -12.57 -25.78
C LEU B 506 24.46 -12.63 -26.34
N HIS B 507 25.02 -11.44 -26.66
CA HIS B 507 26.34 -11.29 -27.23
C HIS B 507 27.38 -11.21 -26.14
N ASN B 508 28.39 -12.07 -26.23
CA ASN B 508 29.54 -12.05 -25.33
C ASN B 508 30.43 -10.85 -25.70
N ASN B 509 31.26 -10.40 -24.77
CA ASN B 509 32.08 -9.19 -24.95
C ASN B 509 33.47 -9.42 -25.52
N ASP B 510 33.78 -10.65 -26.00
CA ASP B 510 35.11 -10.98 -26.57
C ASP B 510 35.55 -10.04 -27.68
N ASP B 511 34.59 -9.56 -28.49
CA ASP B 511 34.85 -8.66 -29.62
C ASP B 511 35.01 -7.19 -29.20
N ILE B 512 34.62 -6.83 -27.97
CA ILE B 512 34.67 -5.43 -27.53
C ILE B 512 35.48 -5.20 -26.24
N ASN B 513 35.78 -6.24 -25.44
CA ASN B 513 36.52 -6.06 -24.20
C ASN B 513 37.95 -5.62 -24.52
N MET B 514 38.37 -4.46 -23.97
N MET B 514 38.37 -4.50 -23.94
CA MET B 514 39.66 -3.83 -24.21
CA MET B 514 39.65 -3.87 -24.22
C MET B 514 40.72 -4.02 -23.12
C MET B 514 40.72 -4.03 -23.13
N LEU B 515 40.42 -4.78 -22.06
CA LEU B 515 41.33 -5.00 -20.92
C LEU B 515 42.67 -5.68 -21.27
N ASP B 516 42.69 -6.69 -22.16
CA ASP B 516 43.97 -7.33 -22.59
C ASP B 516 44.89 -6.32 -23.28
N LYS B 517 44.31 -5.51 -24.19
CA LYS B 517 45.05 -4.47 -24.95
C LYS B 517 45.53 -3.34 -24.04
N LEU B 518 44.75 -3.01 -23.02
CA LEU B 518 45.04 -1.93 -22.06
C LEU B 518 46.07 -2.29 -21.00
N LEU B 519 46.01 -3.53 -20.48
CA LEU B 519 46.88 -3.98 -19.38
C LEU B 519 48.07 -4.78 -19.90
N LYS B 520 49.02 -5.19 -19.04
CA LYS B 520 50.23 -5.98 -19.42
C LYS B 520 51.19 -5.14 -20.26
#